data_4D1E
#
_entry.id   4D1E
#
_cell.length_a   73.334
_cell.length_b   102.613
_cell.length_c   182.977
_cell.angle_alpha   90.00
_cell.angle_beta   90.00
_cell.angle_gamma   90.00
#
_symmetry.space_group_name_H-M   'P 2 21 21'
#
_entity_poly.entity_id   1
_entity_poly.type   'polypeptide(L)'
_entity_poly.pdbx_seq_one_letter_code
;YMIQEEEWDRDLLLDPAWEKQQR(MLZ)TFTAWCNSHLRKAGTQIENIEEDFRNGL(MLZ)LMLLLEVISGERLPKPDRG
KMRFH(MLZ)IANVN(MLZ)ALDYIASKGVKLVSIGAEEIVDGNVKMTLGMIWTIILRFAIQDISVEETSAKEGLLLWCQ
R(MLZ)TAPYRNVNIQNFHTSW(MLZ)DGLGLCALIHRHRPDLIDYSKLNKDDPIGNINLAMEIAEKHLDIPKMLDAEDI
VNTP(MLZ)PDERAIMTYVSCFYHAFAGAEQAETAANRICKVLAVNQENERLMEEYERLASELLEWIRRTIPWLENRTPA
ATMQAMQK(MLZ)LEDFRDYRR(MLZ)H(MLZ)PPKVQEKCQLEINFNTLQTKLRISNRPAFMPSEGKMVSDIAGAWQRL
EQAEKGYEEWLLNEIRRLERLEHLAEKFRQKASTHETWAYGKEQILLQKDYESASLTEVRALLR(MLZ)HEAFESDLAAH
QDRVEQIAAIAQELNELDYHDAVNVNDRCQKICDQWDRLGTLTQKRREALERMEKLLETIDQLHLEFAKRAAPFNNWMEG
AMEDLQDMFIVHSIEEIQSLITAHEQF(MLZ)ATLPEADGERQSIMAIQNEVEKVIQSYNIRISSSNPYSTVTMDELRTK
WDKVKQLVPIRDQSLQEELARQHANERLRRQFAAQANAIGPWIQNKMEEIARSSIQITGALEDQMNQLKQYEHNIINY
(MLZ)NNIDKLEGDHQLIQEALVFDNKHTNYTMEHIRVGWELLLTTIARTINEVETQILTRDAKGITQEQMNEFRASFNH
FDRRKNGLMDHEDFRACLISMGYDLGEAEFARIMTLVDPNGQGTVTFQSFIDFMTRETADTDTAEQVIASFRILASDKPY
ILAEELRRELPPDQAQYCIKRMPAYSGPGSVPGALDYAAFSSALYGESDL
;
_entity_poly.pdbx_strand_id   A
#
# COMPACT_ATOMS: atom_id res chain seq x y z
N PRO A 16 75.41 -12.45 128.34
CA PRO A 16 74.18 -12.46 129.14
C PRO A 16 74.05 -11.16 129.88
N ALA A 17 74.19 -10.05 129.16
CA ALA A 17 73.89 -8.72 129.69
C ALA A 17 72.92 -8.07 128.73
N TRP A 18 73.42 -7.73 127.54
CA TRP A 18 72.56 -7.24 126.49
C TRP A 18 71.46 -8.27 126.25
N GLU A 19 71.86 -9.54 126.21
CA GLU A 19 70.95 -10.64 125.96
C GLU A 19 69.84 -10.77 127.01
N LYS A 20 70.15 -10.55 128.28
CA LYS A 20 69.13 -10.80 129.29
C LYS A 20 68.15 -9.64 129.41
N GLN A 21 68.46 -8.52 128.75
CA GLN A 21 67.41 -7.54 128.56
C GLN A 21 66.62 -7.72 127.26
N GLN A 22 67.10 -8.58 126.36
CA GLN A 22 66.34 -8.89 125.15
C GLN A 22 65.24 -9.83 125.52
N ARG A 23 65.56 -10.87 126.28
CA ARG A 23 64.56 -11.79 126.78
C ARG A 23 63.40 -11.07 127.46
N THR A 25 62.16 -7.67 127.31
CA THR A 25 61.26 -6.89 126.47
C THR A 25 60.64 -7.73 125.34
N PHE A 26 61.47 -8.51 124.63
CA PHE A 26 61.00 -9.33 123.51
C PHE A 26 59.87 -10.26 123.90
N THR A 27 60.10 -11.08 124.93
CA THR A 27 59.07 -11.96 125.43
C THR A 27 57.80 -11.15 125.67
N ALA A 28 57.90 -10.10 126.48
CA ALA A 28 56.71 -9.35 126.80
C ALA A 28 56.07 -8.61 125.61
N TRP A 29 56.85 -8.33 124.57
CA TRP A 29 56.26 -7.74 123.37
C TRP A 29 55.38 -8.78 122.71
N CYS A 30 55.91 -9.99 122.58
CA CYS A 30 55.20 -11.08 121.95
C CYS A 30 53.93 -11.36 122.71
N ASN A 31 54.03 -11.30 124.03
CA ASN A 31 52.87 -11.60 124.83
C ASN A 31 51.82 -10.53 124.63
N SER A 32 52.26 -9.30 124.37
CA SER A 32 51.31 -8.21 124.14
C SER A 32 50.52 -8.42 122.83
N HIS A 33 51.10 -9.15 121.88
CA HIS A 33 50.34 -9.65 120.74
C HIS A 33 49.58 -10.99 120.91
N LEU A 34 50.09 -11.86 121.75
CA LEU A 34 49.41 -13.12 121.96
C LEU A 34 48.32 -13.02 123.01
N ARG A 35 48.13 -11.86 123.61
CA ARG A 35 47.04 -11.76 124.57
C ARG A 35 45.80 -11.82 123.74
N LYS A 36 45.88 -11.22 122.56
CA LYS A 36 44.78 -11.16 121.60
C LYS A 36 44.46 -12.56 121.07
N ALA A 37 45.48 -13.39 120.98
CA ALA A 37 45.26 -14.78 120.57
C ALA A 37 44.86 -15.69 121.73
N GLY A 38 45.02 -15.21 122.97
CA GLY A 38 44.62 -15.98 124.14
C GLY A 38 45.57 -17.10 124.53
N THR A 39 46.85 -16.90 124.28
CA THR A 39 47.88 -17.83 124.69
C THR A 39 49.09 -17.01 125.11
N GLN A 40 49.82 -17.44 126.14
CA GLN A 40 51.01 -16.70 126.53
C GLN A 40 52.22 -17.61 126.65
N ILE A 41 53.41 -17.01 126.57
CA ILE A 41 54.68 -17.74 126.75
C ILE A 41 55.36 -17.33 128.05
N GLU A 42 55.64 -18.27 128.94
CA GLU A 42 56.40 -17.88 130.11
C GLU A 42 57.90 -17.79 129.81
N ASN A 43 58.44 -18.82 129.16
CA ASN A 43 59.84 -18.86 128.82
C ASN A 43 60.03 -18.60 127.33
N ILE A 44 60.86 -17.63 126.98
CA ILE A 44 61.09 -17.35 125.57
C ILE A 44 61.85 -18.47 124.90
N GLU A 45 62.89 -18.98 125.54
CA GLU A 45 63.73 -19.96 124.88
C GLU A 45 62.98 -21.16 124.30
N GLU A 46 62.23 -21.87 125.15
CA GLU A 46 61.60 -23.14 124.74
C GLU A 46 60.19 -23.03 124.13
N ASP A 47 59.51 -21.91 124.27
CA ASP A 47 58.11 -21.86 123.84
C ASP A 47 57.89 -21.72 122.32
N PHE A 48 58.92 -21.26 121.63
CA PHE A 48 58.86 -21.16 120.18
C PHE A 48 59.49 -22.36 119.50
N ARG A 49 59.92 -23.33 120.27
CA ARG A 49 60.56 -24.47 119.62
C ARG A 49 59.48 -25.24 118.88
N ASN A 50 58.24 -24.93 119.24
CA ASN A 50 57.05 -25.71 118.84
C ASN A 50 56.77 -26.06 117.37
N GLY A 51 56.73 -25.10 116.45
CA GLY A 51 56.89 -23.69 116.70
C GLY A 51 55.58 -22.95 116.67
N LEU A 52 54.50 -23.67 116.90
CA LEU A 52 53.22 -23.10 116.52
C LEU A 52 52.85 -21.82 117.25
N LEU A 54 54.75 -19.52 117.67
CA LEU A 54 55.33 -18.58 116.73
C LEU A 54 54.48 -18.43 115.48
N MET A 55 54.04 -19.59 114.94
CA MET A 55 53.23 -19.64 113.71
C MET A 55 52.06 -18.69 113.78
N LEU A 56 51.32 -18.77 114.87
CA LEU A 56 50.13 -17.94 114.98
C LEU A 56 50.45 -16.48 115.34
N LEU A 57 51.60 -16.27 115.95
CA LEU A 57 51.99 -14.92 116.29
C LEU A 57 52.14 -14.05 115.04
N LEU A 58 52.72 -14.62 113.98
CA LEU A 58 52.80 -13.89 112.73
C LEU A 58 51.39 -13.41 112.38
N GLU A 59 50.46 -14.36 112.28
CA GLU A 59 49.12 -14.04 111.83
C GLU A 59 48.37 -13.04 112.72
N VAL A 60 48.63 -13.05 114.01
CA VAL A 60 48.06 -12.03 114.89
C VAL A 60 48.59 -10.64 114.58
N ILE A 61 49.90 -10.52 114.37
CA ILE A 61 50.43 -9.20 114.04
C ILE A 61 50.12 -8.85 112.58
N SER A 62 50.12 -9.88 111.73
CA SER A 62 49.81 -9.77 110.31
C SER A 62 48.35 -9.47 110.07
N GLY A 63 47.50 -10.13 110.85
CA GLY A 63 46.06 -9.95 110.75
C GLY A 63 45.40 -11.06 109.99
N GLU A 64 46.15 -11.77 109.16
CA GLU A 64 45.60 -12.85 108.36
C GLU A 64 46.34 -14.18 108.54
N ARG A 65 45.59 -15.28 108.58
CA ARG A 65 46.15 -16.62 108.81
C ARG A 65 47.13 -17.11 107.71
N LEU A 66 47.98 -18.06 108.09
CA LEU A 66 48.93 -18.72 107.20
C LEU A 66 48.64 -20.23 107.30
N PRO A 67 49.34 -21.10 106.52
CA PRO A 67 48.90 -22.51 106.42
C PRO A 67 48.87 -23.29 107.72
N LYS A 68 47.82 -24.09 107.90
CA LYS A 68 47.56 -24.76 109.17
C LYS A 68 48.70 -25.65 109.66
N PRO A 69 49.09 -25.44 110.92
CA PRO A 69 50.25 -26.11 111.53
C PRO A 69 50.00 -27.57 111.74
N ASP A 70 50.96 -28.41 111.38
CA ASP A 70 51.00 -29.79 111.83
C ASP A 70 51.51 -29.80 113.26
N ARG A 71 50.73 -30.34 114.19
CA ARG A 71 51.23 -30.50 115.54
C ARG A 71 51.41 -31.95 115.90
N GLY A 72 52.61 -32.25 116.39
CA GLY A 72 52.96 -33.56 116.85
C GLY A 72 54.20 -33.39 117.71
N LYS A 73 54.40 -34.31 118.62
CA LYS A 73 55.46 -34.13 119.61
C LYS A 73 56.84 -34.18 118.94
N MET A 74 56.98 -35.04 117.95
CA MET A 74 58.30 -35.37 117.39
C MET A 74 58.97 -34.20 116.67
N ARG A 75 60.27 -34.32 116.48
CA ARG A 75 61.11 -33.21 116.04
C ARG A 75 60.77 -32.71 114.65
N PHE A 76 60.83 -33.60 113.67
CA PHE A 76 60.68 -33.17 112.28
C PHE A 76 59.37 -32.40 112.03
N HIS A 77 58.36 -32.67 112.84
CA HIS A 77 57.12 -31.91 112.76
C HIS A 77 57.45 -30.48 113.06
N ILE A 79 60.09 -28.93 112.95
CA ILE A 79 60.92 -28.28 111.93
C ILE A 79 60.03 -27.86 110.78
N ALA A 80 59.17 -28.77 110.33
CA ALA A 80 58.24 -28.50 109.25
C ALA A 80 57.40 -27.26 109.53
N ASN A 81 56.84 -27.17 110.73
CA ASN A 81 56.11 -25.98 111.17
C ASN A 81 56.89 -24.67 111.11
N VAL A 82 58.07 -24.65 111.68
CA VAL A 82 58.84 -23.43 111.67
C VAL A 82 59.04 -22.98 110.23
N ASN A 83 59.54 -23.85 109.35
CA ASN A 83 59.71 -23.47 107.96
C ASN A 83 58.45 -22.82 107.42
N ALA A 85 56.34 -21.26 109.09
CA ALA A 85 56.28 -19.96 109.71
C ALA A 85 57.48 -19.08 109.31
N LEU A 86 58.58 -19.70 108.91
CA LEU A 86 59.74 -18.95 108.44
C LEU A 86 59.57 -18.53 106.99
N ASP A 87 58.86 -19.35 106.22
CA ASP A 87 58.71 -19.14 104.80
C ASP A 87 57.71 -18.05 104.52
N TYR A 88 56.85 -17.79 105.49
CA TYR A 88 55.94 -16.67 105.39
C TYR A 88 56.78 -15.39 105.44
N ILE A 89 57.62 -15.30 106.46
CA ILE A 89 58.36 -14.08 106.71
C ILE A 89 59.29 -13.75 105.56
N ALA A 90 60.06 -14.74 105.14
CA ALA A 90 60.96 -14.58 104.02
C ALA A 90 60.14 -14.04 102.87
N SER A 91 58.91 -14.54 102.77
CA SER A 91 58.00 -14.06 101.75
C SER A 91 57.59 -12.66 102.06
N LYS A 92 57.05 -12.42 103.25
CA LYS A 92 56.45 -11.11 103.47
C LYS A 92 57.46 -9.99 103.25
N GLY A 93 58.34 -9.77 104.21
CA GLY A 93 59.25 -8.67 104.00
C GLY A 93 60.69 -8.96 103.71
N VAL A 94 61.16 -10.15 103.99
CA VAL A 94 62.51 -10.13 104.56
C VAL A 94 63.61 -11.06 104.05
N LYS A 95 64.75 -10.47 103.70
CA LYS A 95 65.97 -11.26 103.52
C LYS A 95 66.57 -11.64 104.90
N LEU A 96 67.09 -12.86 104.97
CA LEU A 96 67.49 -13.50 106.22
C LEU A 96 68.86 -14.15 105.99
N VAL A 97 69.70 -14.18 107.01
CA VAL A 97 71.06 -14.63 106.85
C VAL A 97 71.41 -15.48 108.05
N SER A 98 71.99 -16.64 107.75
CA SER A 98 72.76 -17.44 108.70
C SER A 98 71.86 -17.87 109.90
N ILE A 99 70.52 -17.86 109.76
CA ILE A 99 69.62 -18.49 110.76
C ILE A 99 68.55 -19.37 110.11
N GLY A 100 68.59 -20.68 110.37
CA GLY A 100 67.67 -21.56 109.68
C GLY A 100 66.53 -21.90 110.61
N ALA A 101 65.57 -22.70 110.13
CA ALA A 101 64.43 -23.10 110.95
C ALA A 101 64.82 -24.21 111.92
N GLU A 102 65.83 -24.97 111.56
CA GLU A 102 66.26 -26.10 112.38
C GLU A 102 66.86 -25.65 113.71
N GLU A 103 67.41 -24.45 113.73
CA GLU A 103 68.15 -24.03 114.91
C GLU A 103 67.21 -23.57 115.98
N ILE A 104 66.06 -23.12 115.56
CA ILE A 104 65.10 -22.57 116.51
C ILE A 104 64.47 -23.65 117.36
N VAL A 105 64.30 -24.83 116.78
CA VAL A 105 63.70 -25.94 117.52
C VAL A 105 64.72 -26.53 118.48
N ASP A 106 65.99 -26.36 118.14
CA ASP A 106 67.05 -26.74 119.06
C ASP A 106 67.16 -25.71 120.18
N GLY A 107 66.43 -24.62 120.02
CA GLY A 107 66.36 -23.57 121.02
C GLY A 107 67.60 -22.73 121.09
N ASN A 108 68.39 -22.72 120.03
CA ASN A 108 69.63 -21.99 120.06
C ASN A 108 69.24 -20.53 120.15
N VAL A 109 69.68 -19.91 121.23
CA VAL A 109 68.99 -18.73 121.74
C VAL A 109 69.35 -17.40 121.06
N LYS A 110 70.64 -17.16 120.80
CA LYS A 110 71.04 -15.91 120.15
C LYS A 110 70.33 -15.81 118.81
N MET A 111 70.10 -16.98 118.22
CA MET A 111 69.45 -17.15 116.93
C MET A 111 67.95 -16.90 117.05
N THR A 112 67.35 -17.42 118.11
CA THR A 112 65.93 -17.22 118.32
C THR A 112 65.63 -15.75 118.65
N LEU A 113 66.45 -15.16 119.53
CA LEU A 113 66.31 -13.76 119.95
C LEU A 113 66.28 -12.89 118.72
N GLY A 114 67.39 -12.85 118.01
CA GLY A 114 67.36 -13.31 116.63
C GLY A 114 66.25 -12.85 115.73
N MET A 115 65.59 -13.84 115.13
CA MET A 115 64.47 -13.63 114.24
C MET A 115 63.39 -12.66 114.77
N ILE A 116 63.08 -12.79 116.05
CA ILE A 116 62.03 -11.99 116.64
C ILE A 116 62.36 -10.53 116.39
N TRP A 117 63.62 -10.18 116.56
CA TRP A 117 64.02 -8.83 116.31
C TRP A 117 63.54 -8.41 114.93
N THR A 118 63.92 -9.19 113.92
CA THR A 118 63.67 -8.84 112.52
C THR A 118 62.18 -8.63 112.30
N ILE A 119 61.42 -9.58 112.83
CA ILE A 119 59.97 -9.49 112.89
C ILE A 119 59.53 -8.12 113.41
N ILE A 120 59.90 -7.82 114.65
CA ILE A 120 59.58 -6.54 115.27
C ILE A 120 60.06 -5.40 114.38
N LEU A 121 61.28 -5.52 113.89
CA LEU A 121 61.76 -4.57 112.91
C LEU A 121 60.80 -4.52 111.74
N ARG A 122 60.49 -5.67 111.15
CA ARG A 122 59.64 -5.68 109.98
C ARG A 122 58.25 -5.12 110.27
N PHE A 123 57.56 -5.74 111.21
CA PHE A 123 56.16 -5.40 111.45
C PHE A 123 55.88 -4.17 112.32
N ALA A 124 56.77 -3.88 113.24
CA ALA A 124 56.55 -2.77 114.16
C ALA A 124 57.26 -1.50 113.71
N ILE A 125 58.58 -1.56 113.65
CA ILE A 125 59.43 -0.38 113.51
C ILE A 125 59.60 0.23 112.10
N GLN A 126 59.53 -0.61 111.08
CA GLN A 126 59.89 -0.18 109.73
C GLN A 126 58.78 0.50 108.92
N ASP A 127 57.53 0.35 109.36
CA ASP A 127 56.39 0.89 108.62
C ASP A 127 56.16 2.38 108.90
N ILE A 128 57.02 2.98 109.73
CA ILE A 128 56.85 4.39 110.09
C ILE A 128 57.72 5.33 109.26
N SER A 129 57.08 6.38 108.76
CA SER A 129 57.78 7.43 108.04
C SER A 129 57.19 8.77 108.43
N VAL A 130 58.04 9.69 108.85
CA VAL A 130 57.58 11.03 109.18
C VAL A 130 58.58 12.05 108.66
N GLU A 131 58.09 13.05 107.94
CA GLU A 131 58.97 14.06 107.34
C GLU A 131 60.00 13.45 106.38
N GLU A 132 59.55 12.51 105.53
CA GLU A 132 60.35 11.86 104.48
C GLU A 132 61.30 10.79 105.01
N THR A 133 61.53 10.76 106.31
CA THR A 133 62.43 9.77 106.89
C THR A 133 61.61 8.57 107.37
N SER A 134 62.18 7.38 107.24
CA SER A 134 61.44 6.13 107.44
C SER A 134 62.12 5.13 108.37
N ALA A 135 61.32 4.21 108.91
CA ALA A 135 61.82 3.15 109.79
C ALA A 135 62.69 3.66 110.94
N LYS A 136 63.79 2.94 111.22
CA LYS A 136 64.62 3.18 112.40
C LYS A 136 64.99 4.64 112.62
N GLU A 137 65.47 5.31 111.57
CA GLU A 137 65.84 6.71 111.66
C GLU A 137 64.61 7.58 111.75
N GLY A 138 63.53 7.15 111.10
CA GLY A 138 62.26 7.87 111.18
C GLY A 138 61.80 7.97 112.62
N LEU A 139 61.94 6.87 113.34
CA LEU A 139 61.55 6.81 114.74
C LEU A 139 62.39 7.80 115.49
N LEU A 140 63.71 7.67 115.36
CA LEU A 140 64.63 8.53 116.08
C LEU A 140 64.26 9.99 115.89
N LEU A 141 64.14 10.41 114.64
CA LEU A 141 63.77 11.79 114.32
C LEU A 141 62.54 12.23 115.10
N TRP A 142 61.52 11.36 115.15
CA TRP A 142 60.33 11.65 115.94
C TRP A 142 60.71 11.95 117.40
N CYS A 143 61.51 11.08 118.01
CA CYS A 143 61.85 11.28 119.42
C CYS A 143 62.59 12.59 119.64
N GLN A 144 63.59 12.86 118.81
CA GLN A 144 64.37 14.07 119.05
C GLN A 144 63.51 15.35 118.79
N ARG A 145 62.45 15.21 117.99
CA ARG A 145 61.49 16.29 117.69
C ARG A 145 60.66 16.54 118.90
N THR A 147 61.05 15.69 121.90
CA THR A 147 61.82 16.01 123.10
C THR A 147 62.78 17.19 122.99
N ALA A 148 62.84 17.78 121.80
CA ALA A 148 63.65 18.95 121.56
C ALA A 148 63.43 20.04 122.61
N PRO A 149 62.16 20.26 123.05
CA PRO A 149 61.91 21.20 124.14
C PRO A 149 62.60 20.86 125.44
N TYR A 150 62.81 19.58 125.69
CA TYR A 150 63.21 19.15 127.02
C TYR A 150 64.72 19.26 127.22
N ARG A 151 65.11 20.02 128.25
CA ARG A 151 66.51 20.31 128.50
C ARG A 151 67.36 19.16 128.98
N ASN A 152 66.85 18.37 129.91
CA ASN A 152 67.58 17.20 130.41
C ASN A 152 67.67 16.10 129.38
N VAL A 153 67.05 16.32 128.24
CA VAL A 153 67.05 15.33 127.19
C VAL A 153 67.74 15.82 125.92
N ASN A 154 68.89 15.24 125.62
CA ASN A 154 69.45 15.34 124.28
C ASN A 154 69.61 13.91 123.88
N ILE A 155 68.88 13.52 122.83
CA ILE A 155 68.96 12.16 122.34
C ILE A 155 69.82 12.10 121.09
N GLN A 156 70.71 11.12 121.07
CA GLN A 156 71.51 10.83 119.90
C GLN A 156 71.43 9.33 119.63
N ASN A 157 71.94 8.55 120.58
CA ASN A 157 71.92 7.11 120.51
C ASN A 157 70.54 6.58 120.77
N PHE A 158 70.24 5.44 120.15
CA PHE A 158 69.08 4.63 120.53
C PHE A 158 69.34 3.93 121.86
N HIS A 159 70.54 4.11 122.39
CA HIS A 159 70.89 3.51 123.66
C HIS A 159 71.26 4.55 124.72
N THR A 160 72.44 5.13 124.60
CA THR A 160 73.02 5.87 125.72
C THR A 160 72.30 7.16 126.06
N SER A 161 71.64 7.75 125.06
CA SER A 161 70.85 8.95 125.30
C SER A 161 69.77 8.64 126.32
N TRP A 162 69.27 7.41 126.25
CA TRP A 162 68.07 7.00 126.96
C TRP A 162 68.31 6.48 128.38
N ASP A 164 69.30 7.41 131.31
CA ASP A 164 68.91 8.16 132.51
C ASP A 164 67.44 8.03 132.89
N GLY A 165 66.62 7.66 131.91
CA GLY A 165 65.17 7.52 132.07
C GLY A 165 64.43 8.77 131.66
N LEU A 166 65.14 9.86 131.56
CA LEU A 166 64.50 11.15 131.35
C LEU A 166 63.96 11.24 129.96
N GLY A 167 64.76 10.79 129.00
CA GLY A 167 64.45 10.99 127.60
C GLY A 167 63.05 10.45 127.39
N LEU A 168 62.89 9.28 127.99
CA LEU A 168 61.66 8.52 127.96
C LEU A 168 60.47 9.18 128.68
N CYS A 169 60.61 9.54 129.96
CA CYS A 169 59.49 10.20 130.66
C CYS A 169 59.10 11.50 130.01
N ALA A 170 59.95 12.02 129.13
CA ALA A 170 59.64 13.26 128.41
C ALA A 170 58.36 13.14 127.61
N LEU A 171 58.29 12.14 126.72
CA LEU A 171 57.20 12.14 125.76
C LEU A 171 55.85 11.77 126.35
N ILE A 172 55.86 10.88 127.34
CA ILE A 172 54.71 10.70 128.19
C ILE A 172 54.22 12.05 128.72
N HIS A 173 55.14 12.96 129.05
CA HIS A 173 54.73 14.29 129.48
C HIS A 173 54.27 15.12 128.28
N ARG A 174 55.05 15.02 127.23
CA ARG A 174 54.94 15.92 126.12
C ARG A 174 53.66 15.64 125.37
N HIS A 175 53.30 14.36 125.35
CA HIS A 175 52.00 13.93 124.84
C HIS A 175 50.83 13.99 125.79
N ARG A 176 51.06 13.55 127.02
CA ARG A 176 49.98 13.44 127.99
C ARG A 176 50.44 13.93 129.36
N PRO A 177 50.43 15.25 129.57
CA PRO A 177 50.76 15.85 130.86
C PRO A 177 49.99 15.25 132.02
N ASP A 178 48.73 14.88 131.80
CA ASP A 178 47.85 14.43 132.87
C ASP A 178 48.49 13.41 133.80
N LEU A 179 49.14 12.40 133.24
CA LEU A 179 49.60 11.29 134.05
C LEU A 179 50.88 11.50 134.81
N ILE A 180 51.74 12.36 134.28
CA ILE A 180 53.06 12.54 134.84
C ILE A 180 53.24 13.90 135.54
N ASP A 181 54.07 13.92 136.59
CA ASP A 181 54.71 15.17 137.05
C ASP A 181 56.18 15.09 136.74
N TYR A 182 56.63 16.01 135.91
CA TYR A 182 57.99 15.93 135.46
C TYR A 182 58.91 16.53 136.50
N SER A 183 58.35 17.37 137.37
CA SER A 183 59.12 18.15 138.36
C SER A 183 60.01 17.30 139.25
N LYS A 184 59.37 16.34 139.92
CA LYS A 184 60.00 15.54 140.95
C LYS A 184 61.18 14.73 140.42
N LEU A 185 61.32 14.70 139.09
CA LEU A 185 62.32 13.84 138.46
C LEU A 185 63.64 14.56 138.22
N ASN A 186 64.71 13.92 138.67
CA ASN A 186 66.06 14.41 138.47
C ASN A 186 66.86 13.31 137.77
N LYS A 187 67.98 13.66 137.15
CA LYS A 187 68.88 12.68 136.50
C LYS A 187 69.51 11.62 137.46
N ASP A 188 69.43 11.87 138.76
CA ASP A 188 70.17 11.06 139.73
C ASP A 188 69.66 9.63 139.87
N ASP A 189 68.39 9.41 139.53
CA ASP A 189 67.73 8.15 139.83
C ASP A 189 67.19 7.48 138.58
N PRO A 190 68.09 6.99 137.72
CA PRO A 190 67.62 6.43 136.44
C PRO A 190 66.68 5.24 136.60
N ILE A 191 67.00 4.29 137.47
CA ILE A 191 66.11 3.16 137.70
C ILE A 191 64.75 3.61 138.23
N GLY A 192 64.73 4.71 138.95
CA GLY A 192 63.46 5.23 139.43
C GLY A 192 62.69 5.99 138.36
N ASN A 193 63.41 6.51 137.38
CA ASN A 193 62.81 7.17 136.23
C ASN A 193 62.27 6.17 135.18
N ILE A 194 63.18 5.40 134.61
CA ILE A 194 62.85 4.34 133.68
C ILE A 194 61.70 3.52 134.26
N ASN A 195 61.77 3.18 135.54
CA ASN A 195 60.71 2.39 136.16
C ASN A 195 59.39 3.14 136.38
N LEU A 196 59.47 4.46 136.50
CA LEU A 196 58.28 5.23 136.75
C LEU A 196 57.55 5.53 135.44
N ALA A 197 58.25 5.43 134.32
CA ALA A 197 57.55 5.46 133.05
C ALA A 197 56.83 4.12 132.82
N MET A 198 57.56 3.02 132.96
CA MET A 198 57.03 1.72 132.61
C MET A 198 55.66 1.42 133.18
N GLU A 199 55.45 1.74 134.46
CA GLU A 199 54.17 1.48 135.11
C GLU A 199 53.15 2.59 134.90
N ILE A 200 53.58 3.77 134.49
CA ILE A 200 52.57 4.77 134.16
C ILE A 200 51.97 4.39 132.81
N ALA A 201 52.77 3.76 131.97
CA ALA A 201 52.34 3.26 130.67
C ALA A 201 51.39 2.12 130.90
N GLU A 202 51.85 1.09 131.62
CA GLU A 202 51.01 -0.06 131.93
C GLU A 202 49.70 0.34 132.59
N LYS A 203 49.77 1.08 133.70
CA LYS A 203 48.57 1.40 134.47
C LYS A 203 47.65 2.36 133.74
N HIS A 204 48.10 2.92 132.63
CA HIS A 204 47.22 3.82 131.91
C HIS A 204 47.06 3.65 130.41
N LEU A 205 48.07 3.94 129.60
CA LEU A 205 47.87 3.72 128.17
C LEU A 205 48.40 2.34 127.87
N ASP A 206 47.56 1.38 127.54
CA ASP A 206 47.90 0.09 128.07
C ASP A 206 48.81 -0.62 127.10
N ILE A 207 50.08 -0.59 127.53
CA ILE A 207 51.20 -1.27 126.93
C ILE A 207 52.10 -1.56 128.10
N PRO A 208 52.78 -2.72 128.09
CA PRO A 208 53.77 -3.02 129.14
C PRO A 208 55.01 -2.14 129.02
N LYS A 209 55.89 -1.95 130.03
CA LYS A 209 56.21 -2.83 131.17
C LYS A 209 57.23 -3.89 130.76
N MET A 210 57.65 -3.87 129.50
CA MET A 210 58.74 -4.75 129.17
C MET A 210 60.01 -3.96 129.00
N LEU A 211 60.82 -3.95 130.03
CA LEU A 211 62.18 -3.48 129.94
C LEU A 211 62.87 -4.03 131.15
N ASP A 212 64.18 -4.17 131.07
CA ASP A 212 64.86 -4.82 132.14
C ASP A 212 65.51 -3.74 132.93
N ALA A 213 64.96 -3.46 134.10
CA ALA A 213 65.32 -2.26 134.83
C ALA A 213 66.77 -2.31 135.24
N GLU A 214 67.20 -3.45 135.77
CA GLU A 214 68.56 -3.61 136.22
C GLU A 214 69.60 -3.17 135.17
N ASP A 215 69.63 -3.83 134.02
CA ASP A 215 70.74 -3.73 133.06
C ASP A 215 71.02 -2.37 132.40
N ILE A 216 69.96 -1.66 132.03
CA ILE A 216 70.12 -0.33 131.44
C ILE A 216 70.89 0.61 132.36
N VAL A 217 70.62 0.51 133.66
CA VAL A 217 71.27 1.39 134.64
C VAL A 217 72.75 1.04 134.87
N ASN A 218 73.06 -0.26 134.91
CA ASN A 218 74.42 -0.75 135.09
C ASN A 218 75.33 -0.85 133.86
N THR A 219 74.78 -1.33 132.76
CA THR A 219 75.59 -1.61 131.59
C THR A 219 76.05 -0.32 130.95
N PRO A 220 77.32 -0.27 130.50
CA PRO A 220 77.92 0.91 129.86
C PRO A 220 77.16 1.35 128.64
N PRO A 222 73.52 0.37 127.00
CA PRO A 222 72.26 -0.37 127.13
C PRO A 222 71.97 -1.05 125.80
N ASP A 223 71.07 -2.04 125.79
CA ASP A 223 70.76 -2.77 124.55
C ASP A 223 69.85 -2.04 123.57
N GLU A 224 70.37 -1.85 122.37
CA GLU A 224 69.77 -1.04 121.33
C GLU A 224 68.38 -1.52 120.88
N ARG A 225 68.30 -2.77 120.41
CA ARG A 225 67.04 -3.35 119.95
C ARG A 225 65.95 -3.36 121.02
N ALA A 226 66.35 -3.70 122.25
CA ALA A 226 65.41 -3.76 123.38
C ALA A 226 64.74 -2.44 123.65
N ILE A 227 65.46 -1.33 123.45
CA ILE A 227 64.91 0.01 123.69
C ILE A 227 64.00 0.42 122.56
N MET A 228 64.49 0.18 121.33
CA MET A 228 63.84 0.59 120.09
C MET A 228 62.46 -0.02 120.02
N THR A 229 62.41 -1.26 120.49
CA THR A 229 61.17 -1.98 120.68
C THR A 229 60.23 -1.16 121.57
N TYR A 230 60.70 -0.83 122.77
CA TYR A 230 59.86 -0.11 123.72
C TYR A 230 59.44 1.28 123.24
N VAL A 231 60.36 2.03 122.63
CA VAL A 231 60.00 3.36 122.16
C VAL A 231 58.99 3.26 121.04
N SER A 232 59.16 2.26 120.18
CA SER A 232 58.23 2.04 119.07
C SER A 232 56.82 1.86 119.63
N CYS A 233 56.70 1.11 120.71
CA CYS A 233 55.40 0.92 121.36
C CYS A 233 54.80 2.23 121.84
N PHE A 234 55.66 3.17 122.19
CA PHE A 234 55.22 4.48 122.61
C PHE A 234 54.69 5.24 121.42
N TYR A 235 55.41 5.21 120.30
CA TYR A 235 54.90 5.80 119.07
C TYR A 235 53.52 5.24 118.72
N HIS A 236 53.47 3.94 118.40
CA HIS A 236 52.24 3.32 117.91
C HIS A 236 51.09 3.68 118.82
N ALA A 237 51.39 3.83 120.11
CA ALA A 237 50.42 4.27 121.10
C ALA A 237 50.20 5.78 121.11
N PHE A 238 51.24 6.52 120.80
CA PHE A 238 51.25 7.94 121.11
C PHE A 238 50.56 8.84 120.14
N ALA A 239 51.04 8.83 118.90
CA ALA A 239 50.74 9.94 118.04
C ALA A 239 49.35 9.75 117.51
N GLY A 240 49.20 8.86 116.54
CA GLY A 240 47.88 8.69 115.96
C GLY A 240 47.46 9.93 115.18
N ALA A 241 48.25 11.00 115.26
CA ALA A 241 48.03 12.19 114.46
C ALA A 241 48.60 11.90 113.08
N GLU A 242 49.78 11.32 113.05
CA GLU A 242 50.40 10.95 111.79
C GLU A 242 49.88 9.61 111.33
N GLN A 243 49.24 8.87 112.23
CA GLN A 243 48.64 7.60 111.83
C GLN A 243 47.28 7.83 111.14
N ALA A 244 46.46 8.72 111.70
CA ALA A 244 45.11 8.90 111.16
C ALA A 244 45.02 9.64 109.81
N GLU A 245 46.05 10.41 109.48
CA GLU A 245 46.12 11.11 108.19
C GLU A 245 46.60 10.24 107.05
N THR A 246 47.49 9.30 107.35
CA THR A 246 47.86 8.35 106.32
C THR A 246 46.63 7.47 106.09
N ALA A 247 45.88 7.24 107.17
CA ALA A 247 44.61 6.53 107.07
C ALA A 247 43.65 7.25 106.11
N ALA A 248 43.45 8.55 106.32
CA ALA A 248 42.62 9.35 105.43
C ALA A 248 43.21 9.49 104.03
N ASN A 249 44.53 9.48 103.92
CA ASN A 249 45.17 9.58 102.63
C ASN A 249 44.93 8.33 101.78
N ARG A 250 45.24 7.17 102.32
CA ARG A 250 45.02 5.90 101.60
C ARG A 250 43.54 5.72 101.25
N ILE A 251 42.66 6.35 102.03
CA ILE A 251 41.25 6.39 101.72
C ILE A 251 41.01 7.34 100.55
N CYS A 252 41.54 8.56 100.65
CA CYS A 252 41.42 9.56 99.59
C CYS A 252 41.93 9.04 98.24
N LYS A 253 43.01 8.26 98.29
CA LYS A 253 43.61 7.70 97.10
C LYS A 253 42.74 6.61 96.49
N VAL A 254 42.28 5.66 97.31
CA VAL A 254 41.43 4.57 96.81
C VAL A 254 40.08 5.05 96.28
N LEU A 255 39.54 6.13 96.83
CA LEU A 255 38.36 6.69 96.21
C LEU A 255 38.65 7.11 94.77
N ALA A 256 39.68 7.92 94.57
CA ALA A 256 39.89 8.64 93.32
C ALA A 256 39.70 7.71 92.16
N VAL A 257 40.30 6.52 92.26
CA VAL A 257 40.15 5.43 91.30
C VAL A 257 38.68 5.10 91.08
N ASN A 258 37.88 5.12 92.13
CA ASN A 258 36.42 4.93 91.97
C ASN A 258 35.77 6.00 91.10
N GLN A 259 35.98 7.28 91.42
CA GLN A 259 35.35 8.35 90.67
C GLN A 259 35.77 8.37 89.21
N GLU A 260 37.06 8.12 88.96
CA GLU A 260 37.54 8.07 87.59
C GLU A 260 36.72 7.02 86.90
N ASN A 261 36.76 5.81 87.44
CA ASN A 261 36.02 4.68 86.88
C ASN A 261 34.53 4.96 86.67
N GLU A 262 33.94 5.75 87.56
CA GLU A 262 32.54 6.11 87.41
C GLU A 262 32.36 7.20 86.38
N ARG A 263 33.24 8.20 86.39
CA ARG A 263 33.15 9.25 85.37
C ARG A 263 33.54 8.66 84.03
N LEU A 264 34.56 7.80 84.05
CA LEU A 264 35.05 7.12 82.86
C LEU A 264 34.05 6.12 82.33
N MET A 265 33.00 5.81 83.09
CA MET A 265 31.89 5.18 82.42
C MET A 265 30.87 6.28 82.24
N GLU A 266 30.85 6.81 81.03
CA GLU A 266 29.71 7.48 80.43
C GLU A 266 29.01 6.53 79.44
N GLU A 267 29.42 5.26 79.41
CA GLU A 267 28.95 4.25 78.44
C GLU A 267 27.45 4.33 78.24
N TYR A 268 26.72 4.53 79.32
CA TYR A 268 25.30 4.84 79.22
C TYR A 268 25.02 5.99 78.24
N GLU A 269 25.80 7.07 78.33
CA GLU A 269 25.60 8.28 77.53
C GLU A 269 26.05 8.22 76.06
N ARG A 270 27.28 7.72 75.82
CA ARG A 270 27.87 7.66 74.48
C ARG A 270 27.02 6.80 73.60
N LEU A 271 26.57 5.69 74.15
CA LEU A 271 25.80 4.69 73.42
C LEU A 271 24.38 5.14 73.17
N ALA A 272 23.76 5.67 74.24
CA ALA A 272 22.41 6.20 74.18
C ALA A 272 22.30 7.12 73.00
N SER A 273 23.25 8.06 72.89
CA SER A 273 23.32 8.96 71.75
C SER A 273 23.33 8.19 70.44
N GLU A 274 24.15 7.14 70.39
CA GLU A 274 24.21 6.31 69.19
C GLU A 274 23.04 5.38 68.90
N LEU A 275 22.71 4.50 69.83
CA LEU A 275 21.67 3.54 69.48
C LEU A 275 20.29 4.15 69.44
N LEU A 276 19.88 4.77 70.55
CA LEU A 276 18.56 5.38 70.67
C LEU A 276 18.31 6.34 69.50
N GLU A 277 19.34 7.12 69.19
CA GLU A 277 19.25 8.18 68.20
C GLU A 277 19.94 7.74 66.89
N TRP A 278 21.27 7.75 66.83
CA TRP A 278 21.93 7.54 65.54
C TRP A 278 21.54 6.32 64.67
N ILE A 279 21.64 5.09 65.19
CA ILE A 279 21.35 3.91 64.34
C ILE A 279 19.84 3.70 64.19
N ARG A 280 19.14 3.72 65.31
CA ARG A 280 17.69 3.50 65.32
C ARG A 280 16.95 4.56 64.50
N ARG A 281 17.41 5.81 64.53
CA ARG A 281 16.73 6.83 63.75
C ARG A 281 17.06 6.69 62.26
N THR A 282 18.29 6.28 61.96
CA THR A 282 18.78 6.28 60.59
C THR A 282 18.20 5.15 59.75
N ILE A 283 18.11 3.96 60.31
CA ILE A 283 17.67 2.77 59.57
C ILE A 283 16.39 2.87 58.69
N PRO A 284 15.30 3.51 59.19
CA PRO A 284 14.16 3.73 58.27
C PRO A 284 14.48 4.71 57.13
N TRP A 285 15.17 5.78 57.47
CA TRP A 285 15.57 6.79 56.53
C TRP A 285 16.40 6.20 55.39
N LEU A 286 17.21 5.21 55.71
CA LEU A 286 17.91 4.44 54.69
C LEU A 286 17.04 3.37 54.07
N GLU A 287 16.06 2.87 54.82
CA GLU A 287 15.22 1.78 54.32
C GLU A 287 13.87 2.18 53.71
N ASN A 288 13.63 3.49 53.61
CA ASN A 288 12.32 4.00 53.15
C ASN A 288 11.79 3.41 51.84
N ARG A 289 12.63 3.39 50.80
CA ARG A 289 12.31 2.81 49.48
C ARG A 289 11.09 3.40 48.76
N THR A 290 10.72 4.62 49.11
CA THR A 290 9.66 5.32 48.38
C THR A 290 10.31 5.85 47.12
N PRO A 291 9.70 5.51 45.98
CA PRO A 291 10.33 5.79 44.68
C PRO A 291 10.34 7.25 44.27
N ALA A 292 11.46 7.62 43.67
CA ALA A 292 11.49 8.42 42.45
C ALA A 292 10.58 9.64 42.33
N ALA A 293 10.60 10.53 43.32
CA ALA A 293 10.15 11.88 43.06
C ALA A 293 11.02 12.29 41.87
N THR A 294 10.40 12.83 40.83
CA THR A 294 10.96 12.82 39.48
C THR A 294 12.27 13.59 39.29
N MET A 295 12.98 13.24 38.22
CA MET A 295 14.44 13.04 38.20
C MET A 295 15.39 14.03 38.90
N GLN A 296 15.16 15.34 38.82
CA GLN A 296 16.05 16.24 39.57
C GLN A 296 15.84 16.08 41.07
N ALA A 297 14.71 15.52 41.46
CA ALA A 297 14.46 15.24 42.87
C ALA A 297 15.38 14.13 43.35
N MET A 298 15.99 13.44 42.41
CA MET A 298 17.08 12.52 42.72
C MET A 298 18.46 13.20 42.91
N GLN A 299 18.72 14.27 42.16
CA GLN A 299 19.96 15.03 42.29
C GLN A 299 20.14 15.53 43.70
N LYS A 300 19.06 16.00 44.32
CA LYS A 300 19.16 16.32 45.74
C LYS A 300 18.88 15.08 46.59
N LEU A 302 20.36 12.32 45.92
CA LEU A 302 21.74 11.90 45.98
C LEU A 302 22.64 12.91 46.68
N GLU A 303 22.45 14.19 46.40
CA GLU A 303 23.36 15.19 46.95
C GLU A 303 23.27 15.29 48.46
N ASP A 304 22.14 14.85 49.01
CA ASP A 304 22.06 14.73 50.46
C ASP A 304 22.78 13.45 50.92
N PHE A 305 22.62 12.39 50.15
CA PHE A 305 23.27 11.12 50.44
C PHE A 305 24.78 11.23 50.37
N ARG A 306 25.31 12.03 49.46
CA ARG A 306 26.76 12.24 49.40
C ARG A 306 27.19 13.40 50.29
N ASP A 307 26.23 14.16 50.78
CA ASP A 307 26.48 15.10 51.85
C ASP A 307 26.66 14.26 53.10
N TYR A 308 25.73 13.34 53.31
CA TYR A 308 25.70 12.52 54.52
C TYR A 308 26.98 11.73 54.70
N ARG A 309 27.37 10.96 53.69
CA ARG A 309 28.42 10.00 53.89
C ARG A 309 29.79 10.64 53.94
N ARG A 310 29.95 11.75 53.23
CA ARG A 310 31.23 12.44 53.24
C ARG A 310 31.46 13.34 54.48
N HIS A 312 28.73 13.78 57.45
CA HIS A 312 28.00 13.36 58.65
C HIS A 312 28.45 12.00 59.22
N PRO A 314 31.53 10.12 58.68
CA PRO A 314 32.90 9.90 59.17
C PRO A 314 33.17 10.14 60.65
N PRO A 315 32.59 11.19 61.28
CA PRO A 315 32.84 11.24 62.73
C PRO A 315 32.30 10.03 63.49
N LYS A 316 31.19 9.44 63.02
CA LYS A 316 30.57 8.33 63.72
C LYS A 316 31.23 6.99 63.46
N VAL A 317 32.10 6.94 62.48
CA VAL A 317 32.99 5.80 62.36
C VAL A 317 33.90 5.89 63.55
N GLN A 318 34.38 7.11 63.81
CA GLN A 318 35.34 7.36 64.88
C GLN A 318 34.77 7.14 66.29
N GLU A 319 33.56 7.62 66.51
CA GLU A 319 32.90 7.39 67.78
C GLU A 319 32.93 5.91 68.10
N LYS A 320 32.47 5.07 67.18
CA LYS A 320 32.46 3.63 67.43
C LYS A 320 33.87 3.08 67.62
N CYS A 321 34.82 3.60 66.86
CA CYS A 321 36.22 3.21 67.02
C CYS A 321 36.72 3.67 68.39
N GLN A 322 36.57 4.96 68.65
CA GLN A 322 36.98 5.57 69.91
C GLN A 322 36.30 4.94 71.13
N LEU A 323 35.07 4.48 70.93
CA LEU A 323 34.28 3.91 72.02
C LEU A 323 34.80 2.55 72.48
N GLU A 324 35.02 1.64 71.54
CA GLU A 324 35.60 0.35 71.90
C GLU A 324 37.05 0.51 72.38
N ILE A 325 37.64 1.67 72.13
CA ILE A 325 38.91 2.00 72.74
C ILE A 325 38.73 2.23 74.24
N ASN A 326 37.73 3.04 74.60
CA ASN A 326 37.45 3.31 76.00
C ASN A 326 36.87 2.13 76.75
N PHE A 327 36.23 1.19 76.06
CA PHE A 327 35.79 -0.03 76.73
C PHE A 327 37.02 -0.86 77.05
N ASN A 328 38.02 -0.75 76.17
CA ASN A 328 39.28 -1.42 76.42
C ASN A 328 40.11 -0.79 77.57
N THR A 329 40.23 0.54 77.60
CA THR A 329 41.04 1.20 78.64
C THR A 329 40.55 0.88 80.05
N LEU A 330 39.23 0.87 80.23
CA LEU A 330 38.66 0.64 81.55
C LEU A 330 38.90 -0.79 81.96
N GLN A 331 38.83 -1.70 81.00
CA GLN A 331 39.11 -3.10 81.25
C GLN A 331 40.44 -3.33 81.93
N THR A 332 41.50 -2.70 81.44
CA THR A 332 42.81 -2.91 82.06
C THR A 332 42.88 -2.13 83.37
N LYS A 333 42.25 -0.95 83.34
CA LYS A 333 42.21 -0.04 84.47
C LYS A 333 41.46 -0.69 85.64
N LEU A 334 40.48 -1.53 85.33
CA LEU A 334 39.78 -2.25 86.37
C LEU A 334 40.63 -3.41 86.90
N ARG A 335 41.50 -3.94 86.05
CA ARG A 335 42.33 -5.06 86.45
C ARG A 335 43.47 -4.61 87.38
N ILE A 336 44.00 -3.42 87.15
CA ILE A 336 45.12 -2.94 87.96
C ILE A 336 44.72 -2.71 89.42
N SER A 337 43.53 -2.16 89.62
CA SER A 337 42.96 -2.12 90.97
C SER A 337 42.10 -3.36 91.24
N ASN A 338 42.07 -4.31 90.29
CA ASN A 338 41.37 -5.59 90.48
C ASN A 338 39.85 -5.46 90.60
N ARG A 339 39.38 -4.21 90.63
CA ARG A 339 37.98 -3.92 90.86
C ARG A 339 37.03 -4.55 89.85
N PRO A 340 35.85 -5.00 90.32
CA PRO A 340 34.73 -5.46 89.49
C PRO A 340 33.92 -4.29 88.89
N ALA A 341 33.29 -4.49 87.73
CA ALA A 341 33.39 -5.75 86.99
C ALA A 341 33.91 -5.63 85.54
N PHE A 342 33.19 -5.01 84.61
CA PHE A 342 31.90 -4.35 84.82
C PHE A 342 31.00 -4.75 83.66
N MET A 343 29.70 -4.75 83.90
CA MET A 343 28.77 -5.03 82.82
C MET A 343 27.95 -3.82 82.40
N PRO A 344 28.04 -3.44 81.12
CA PRO A 344 27.13 -2.48 80.49
C PRO A 344 25.72 -3.04 80.38
N SER A 345 24.74 -2.18 80.14
CA SER A 345 23.32 -2.57 80.05
C SER A 345 23.03 -3.60 78.94
N GLU A 346 22.02 -4.44 79.17
CA GLU A 346 21.70 -5.53 78.26
C GLU A 346 21.54 -5.07 76.81
N GLY A 347 20.84 -3.97 76.58
CA GLY A 347 20.61 -3.50 75.24
C GLY A 347 21.86 -2.78 74.76
N LYS A 348 22.54 -2.17 75.72
CA LYS A 348 23.67 -1.30 75.43
C LYS A 348 25.00 -2.05 75.44
N MET A 349 24.94 -3.35 75.68
CA MET A 349 26.19 -4.08 75.80
C MET A 349 26.97 -3.97 74.51
N VAL A 350 28.20 -3.50 74.65
CA VAL A 350 29.06 -3.22 73.52
C VAL A 350 29.22 -4.40 72.56
N SER A 351 29.24 -5.61 73.11
CA SER A 351 29.42 -6.83 72.30
C SER A 351 28.44 -6.91 71.13
N ASP A 352 27.22 -6.44 71.33
CA ASP A 352 26.23 -6.51 70.26
C ASP A 352 26.23 -5.27 69.39
N ILE A 353 27.01 -4.26 69.76
CA ILE A 353 26.95 -3.00 69.06
C ILE A 353 27.50 -3.07 67.65
N ALA A 354 28.56 -3.86 67.47
CA ALA A 354 29.02 -4.21 66.15
C ALA A 354 27.84 -4.82 65.42
N GLY A 355 27.13 -5.72 66.09
CA GLY A 355 25.96 -6.35 65.50
C GLY A 355 24.83 -5.39 65.18
N ALA A 356 24.53 -4.48 66.11
CA ALA A 356 23.45 -3.53 65.94
C ALA A 356 23.79 -2.51 64.88
N TRP A 357 25.08 -2.23 64.75
CA TRP A 357 25.59 -1.37 63.70
C TRP A 357 25.73 -2.16 62.41
N GLN A 358 25.95 -3.46 62.56
CA GLN A 358 26.02 -4.34 61.42
C GLN A 358 24.68 -4.30 60.71
N ARG A 359 23.62 -4.39 61.50
CA ARG A 359 22.25 -4.35 60.98
C ARG A 359 21.96 -3.06 60.21
N LEU A 360 22.61 -1.97 60.60
CA LEU A 360 22.59 -0.75 59.82
C LEU A 360 23.34 -0.94 58.51
N GLU A 361 24.49 -1.57 58.58
CA GLU A 361 25.35 -1.68 57.40
C GLU A 361 24.69 -2.35 56.19
N GLN A 362 23.73 -3.23 56.45
CA GLN A 362 22.97 -3.92 55.41
C GLN A 362 22.14 -2.90 54.63
N ALA A 363 21.70 -1.86 55.32
CA ALA A 363 20.87 -0.82 54.72
C ALA A 363 21.69 0.07 53.81
N GLU A 364 22.92 0.37 54.21
CA GLU A 364 23.83 1.18 53.42
C GLU A 364 23.96 0.64 51.99
N LYS A 365 24.21 -0.67 51.87
CA LYS A 365 24.25 -1.31 50.56
C LYS A 365 22.85 -1.44 49.92
N GLY A 366 21.83 -1.52 50.75
CA GLY A 366 20.47 -1.59 50.25
C GLY A 366 19.99 -0.27 49.67
N TYR A 367 20.36 0.83 50.30
CA TYR A 367 19.98 2.14 49.82
C TYR A 367 20.89 2.60 48.68
N GLU A 368 22.14 2.12 48.68
CA GLU A 368 23.00 2.34 47.51
C GLU A 368 22.39 1.69 46.26
N GLU A 369 21.99 0.43 46.39
CA GLU A 369 21.41 -0.42 45.34
C GLU A 369 20.11 0.12 44.75
N TRP A 370 19.28 0.68 45.63
CA TRP A 370 17.99 1.20 45.20
C TRP A 370 18.23 2.61 44.68
N LEU A 371 19.34 3.19 45.09
CA LEU A 371 19.77 4.43 44.48
C LEU A 371 20.68 4.10 43.31
N LEU A 372 20.89 2.82 43.02
CA LEU A 372 21.36 2.39 41.70
C LEU A 372 20.28 1.84 40.76
N ASN A 373 19.04 1.74 41.25
CA ASN A 373 17.91 1.30 40.42
C ASN A 373 16.89 2.35 39.89
N GLU A 374 17.10 3.62 40.23
CA GLU A 374 16.14 4.72 40.01
C GLU A 374 16.59 5.79 38.99
N ILE A 375 17.70 6.50 39.24
CA ILE A 375 18.21 7.52 38.32
C ILE A 375 18.27 6.99 36.88
N ARG A 376 18.55 5.70 36.77
CA ARG A 376 18.55 4.93 35.55
C ARG A 376 17.13 4.83 35.00
N ARG A 377 16.22 4.32 35.82
CA ARG A 377 14.82 4.32 35.45
C ARG A 377 14.41 5.72 35.07
N LEU A 378 14.68 6.67 35.95
CA LEU A 378 14.25 8.04 35.72
C LEU A 378 15.00 8.67 34.55
N GLU A 379 16.10 8.07 34.14
CA GLU A 379 16.84 8.58 32.99
C GLU A 379 16.11 8.27 31.71
N ARG A 380 15.72 7.02 31.52
CA ARG A 380 15.11 6.61 30.26
C ARG A 380 13.74 7.20 30.09
N LEU A 381 13.11 7.58 31.18
CA LEU A 381 11.81 8.19 31.05
C LEU A 381 11.96 9.48 30.28
N GLU A 382 12.94 10.30 30.64
CA GLU A 382 13.21 11.52 29.90
C GLU A 382 13.53 11.13 28.46
N HIS A 383 14.19 9.98 28.31
CA HIS A 383 14.56 9.49 27.00
C HIS A 383 13.36 9.01 26.18
N LEU A 384 12.59 8.08 26.74
CA LEU A 384 11.44 7.53 26.03
C LEU A 384 10.38 8.59 25.84
N ALA A 385 9.94 9.20 26.93
CA ALA A 385 8.88 10.17 26.82
C ALA A 385 9.32 11.39 26.02
N GLU A 386 10.61 11.54 25.74
CA GLU A 386 10.98 12.50 24.71
C GLU A 386 10.70 11.95 23.32
N LYS A 387 11.20 10.74 23.06
CA LYS A 387 11.05 10.06 21.78
C LYS A 387 9.60 10.02 21.36
N PHE A 388 8.76 9.64 22.31
CA PHE A 388 7.34 9.54 22.07
C PHE A 388 6.78 10.85 21.57
N ARG A 389 6.80 11.88 22.42
CA ARG A 389 6.23 13.16 22.08
C ARG A 389 6.74 13.67 20.73
N GLN A 390 7.98 13.35 20.43
CA GLN A 390 8.54 13.69 19.13
C GLN A 390 7.87 12.94 17.97
N LYS A 391 7.68 11.64 18.13
CA LYS A 391 7.12 10.83 17.05
C LYS A 391 5.60 10.95 16.92
N ALA A 392 4.93 11.21 18.03
CA ALA A 392 3.52 11.52 17.99
C ALA A 392 3.34 12.80 17.20
N SER A 393 4.16 13.80 17.52
CA SER A 393 4.06 15.09 16.86
C SER A 393 4.12 14.96 15.35
N THR A 394 5.13 14.25 14.85
CA THR A 394 5.28 14.10 13.42
C THR A 394 4.09 13.39 12.82
N HIS A 395 3.58 12.40 13.54
CA HIS A 395 2.48 11.61 13.01
C HIS A 395 1.22 12.44 12.84
N GLU A 396 0.85 13.19 13.87
CA GLU A 396 -0.31 14.05 13.77
C GLU A 396 -0.22 15.14 12.72
N THR A 397 0.97 15.71 12.52
CA THR A 397 1.13 16.78 11.53
C THR A 397 0.66 16.28 10.20
N TRP A 398 0.87 14.98 9.99
CA TRP A 398 0.59 14.28 8.76
C TRP A 398 -0.85 13.77 8.69
N ALA A 399 -1.20 12.89 9.62
CA ALA A 399 -2.49 12.23 9.65
C ALA A 399 -3.65 13.17 9.81
N TYR A 400 -3.34 14.42 10.16
CA TYR A 400 -4.35 15.45 10.34
C TYR A 400 -5.32 15.52 9.16
N GLY A 401 -4.79 15.83 7.98
CA GLY A 401 -5.66 16.01 6.83
C GLY A 401 -6.20 14.73 6.19
N LYS A 402 -5.70 13.59 6.67
CA LYS A 402 -5.84 12.36 5.90
C LYS A 402 -7.26 11.68 5.91
N GLU A 403 -8.11 12.05 6.85
CA GLU A 403 -9.46 11.47 6.92
C GLU A 403 -10.34 12.05 5.82
N GLN A 404 -10.58 13.35 5.86
CA GLN A 404 -11.48 14.00 4.92
C GLN A 404 -11.19 13.62 3.48
N ILE A 405 -9.92 13.61 3.11
CA ILE A 405 -9.56 13.30 1.73
C ILE A 405 -9.97 11.87 1.36
N LEU A 406 -10.07 11.01 2.36
CA LEU A 406 -10.47 9.63 2.19
C LEU A 406 -11.99 9.52 2.08
N LEU A 407 -12.69 10.31 2.89
CA LEU A 407 -14.15 10.21 2.95
C LEU A 407 -14.91 10.87 1.80
N GLN A 408 -14.24 11.76 1.07
CA GLN A 408 -14.93 12.50 0.02
C GLN A 408 -15.50 11.58 -1.05
N LYS A 409 -16.72 11.92 -1.42
CA LYS A 409 -17.63 11.16 -2.28
C LYS A 409 -17.43 11.57 -3.71
N ASP A 410 -16.37 12.34 -3.92
CA ASP A 410 -16.03 12.98 -5.19
C ASP A 410 -15.87 12.08 -6.42
N TYR A 411 -15.86 10.76 -6.24
CA TYR A 411 -15.93 9.85 -7.39
C TYR A 411 -17.17 10.03 -8.28
N GLU A 412 -18.33 10.26 -7.66
CA GLU A 412 -19.61 10.32 -8.38
C GLU A 412 -19.79 11.33 -9.54
N SER A 413 -19.21 12.53 -9.42
CA SER A 413 -19.17 13.53 -10.49
C SER A 413 -18.02 13.35 -11.47
N ALA A 414 -17.26 12.29 -11.29
CA ALA A 414 -16.09 12.12 -12.13
C ALA A 414 -16.35 11.36 -13.40
N SER A 415 -15.83 11.91 -14.49
CA SER A 415 -15.80 11.24 -15.77
C SER A 415 -14.93 10.02 -15.62
N LEU A 416 -15.04 9.09 -16.54
CA LEU A 416 -14.20 7.91 -16.51
C LEU A 416 -12.72 8.26 -16.36
N THR A 417 -12.17 8.93 -17.37
CA THR A 417 -10.76 9.28 -17.40
C THR A 417 -10.38 9.88 -16.08
N GLU A 418 -11.27 10.75 -15.59
CA GLU A 418 -11.12 11.36 -14.28
C GLU A 418 -11.01 10.34 -13.14
N VAL A 419 -11.97 9.43 -13.01
CA VAL A 419 -11.93 8.42 -11.95
C VAL A 419 -10.69 7.57 -12.07
N ARG A 420 -10.33 7.22 -13.29
CA ARG A 420 -9.21 6.32 -13.45
C ARG A 420 -7.95 7.02 -13.00
N ALA A 421 -8.01 8.36 -13.00
CA ALA A 421 -6.91 9.19 -12.53
C ALA A 421 -6.83 9.26 -11.01
N LEU A 422 -7.98 9.54 -10.40
CA LEU A 422 -8.14 9.42 -8.97
C LEU A 422 -7.76 8.03 -8.50
N LEU A 423 -7.78 7.07 -9.38
CA LEU A 423 -7.38 5.75 -8.94
C LEU A 423 -5.88 5.78 -8.71
N ARG A 424 -5.17 6.36 -9.67
CA ARG A 424 -3.74 6.47 -9.59
C ARG A 424 -3.38 7.19 -8.32
N HIS A 426 -4.93 7.56 -5.50
CA HIS A 426 -5.21 6.78 -4.32
C HIS A 426 -4.23 5.63 -4.16
N GLU A 427 -3.80 5.00 -5.24
CA GLU A 427 -2.83 3.91 -5.08
C GLU A 427 -1.52 4.43 -4.54
N ALA A 428 -1.07 5.55 -5.09
CA ALA A 428 0.18 6.17 -4.66
C ALA A 428 0.09 6.49 -3.19
N PHE A 429 -1.07 6.97 -2.78
CA PHE A 429 -1.32 7.21 -1.37
C PHE A 429 -1.04 5.96 -0.53
N GLU A 430 -1.70 4.87 -0.84
CA GLU A 430 -1.66 3.72 0.06
C GLU A 430 -0.29 3.07 0.07
N SER A 431 0.55 3.41 -0.90
CA SER A 431 1.94 3.00 -0.83
C SER A 431 2.57 3.83 0.26
N ASP A 432 2.30 5.14 0.24
CA ASP A 432 2.78 6.02 1.30
C ASP A 432 2.32 5.53 2.69
N LEU A 433 1.02 5.25 2.80
CA LEU A 433 0.41 4.82 4.04
C LEU A 433 1.05 3.57 4.64
N ALA A 434 1.59 2.72 3.76
CA ALA A 434 2.32 1.51 4.18
C ALA A 434 3.74 1.81 4.58
N ALA A 435 4.37 2.78 3.92
CA ALA A 435 5.65 3.28 4.40
C ALA A 435 5.52 3.77 5.87
N HIS A 436 4.46 4.53 6.13
CA HIS A 436 4.25 5.06 7.44
C HIS A 436 4.00 4.03 8.53
N GLN A 437 3.89 2.74 8.18
CA GLN A 437 3.49 1.72 9.17
C GLN A 437 4.60 1.27 10.15
N ASP A 438 5.82 1.06 9.64
CA ASP A 438 6.96 0.66 10.48
C ASP A 438 7.21 1.75 11.52
N ARG A 439 6.83 2.95 11.14
CA ARG A 439 6.91 4.13 11.97
C ARG A 439 5.88 4.08 13.08
N VAL A 440 4.73 3.47 12.84
CA VAL A 440 3.66 3.47 13.83
C VAL A 440 3.61 2.24 14.76
N GLU A 441 4.39 1.22 14.44
CA GLU A 441 4.54 0.10 15.37
C GLU A 441 5.56 0.46 16.48
N GLN A 442 6.51 1.33 16.12
CA GLN A 442 7.36 1.99 17.10
C GLN A 442 6.53 2.65 18.20
N ILE A 443 5.74 3.64 17.82
CA ILE A 443 4.91 4.39 18.77
C ILE A 443 4.03 3.52 19.68
N ALA A 444 3.48 2.44 19.14
CA ALA A 444 2.62 1.55 19.92
C ALA A 444 3.41 0.81 20.95
N ALA A 445 4.63 0.42 20.57
CA ALA A 445 5.53 -0.30 21.46
C ALA A 445 6.10 0.57 22.59
N ILE A 446 6.73 1.69 22.25
CA ILE A 446 7.41 2.48 23.27
C ILE A 446 6.43 3.06 24.28
N ALA A 447 5.15 3.07 23.96
CA ALA A 447 4.19 3.54 24.93
C ALA A 447 3.93 2.44 25.94
N GLN A 448 4.07 1.18 25.51
CA GLN A 448 3.70 0.03 26.35
C GLN A 448 4.66 -0.17 27.53
N GLU A 449 5.95 -0.26 27.26
CA GLU A 449 6.88 -0.41 28.37
C GLU A 449 7.09 0.91 29.03
N LEU A 450 6.79 1.99 28.33
CA LEU A 450 6.72 3.25 29.05
C LEU A 450 5.67 3.11 30.15
N ASN A 451 4.48 2.64 29.78
CA ASN A 451 3.43 2.41 30.77
C ASN A 451 3.86 1.36 31.77
N GLU A 452 4.66 0.40 31.33
CA GLU A 452 5.19 -0.62 32.22
C GLU A 452 6.18 -0.02 33.26
N LEU A 453 6.63 1.20 33.03
CA LEU A 453 7.50 1.87 33.99
C LEU A 453 6.67 2.63 35.02
N ASP A 454 5.35 2.48 34.88
CA ASP A 454 4.33 3.08 35.76
C ASP A 454 4.54 4.56 35.96
N TYR A 455 5.12 5.26 34.98
CA TYR A 455 5.53 6.64 35.24
C TYR A 455 4.37 7.60 35.35
N HIS A 456 4.75 8.86 35.52
CA HIS A 456 3.88 9.93 35.95
C HIS A 456 2.65 10.10 35.05
N ASP A 457 2.92 10.35 33.78
CA ASP A 457 1.90 10.74 32.80
C ASP A 457 1.34 9.57 31.99
N ALA A 458 1.71 8.35 32.35
CA ALA A 458 1.37 7.15 31.56
C ALA A 458 -0.10 7.03 31.14
N VAL A 459 -1.02 7.34 32.04
CA VAL A 459 -2.46 7.28 31.76
C VAL A 459 -2.84 8.14 30.58
N ASN A 460 -2.17 9.29 30.47
CA ASN A 460 -2.37 10.19 29.36
C ASN A 460 -1.90 9.57 28.04
N VAL A 461 -0.67 9.08 28.02
CA VAL A 461 -0.07 8.56 26.79
C VAL A 461 -0.68 7.25 26.31
N ASN A 462 -1.12 6.41 27.24
CA ASN A 462 -1.71 5.14 26.83
C ASN A 462 -2.97 5.37 26.03
N ASP A 463 -3.72 6.40 26.43
CA ASP A 463 -4.92 6.79 25.70
C ASP A 463 -4.52 7.51 24.42
N ARG A 464 -3.50 8.36 24.52
CA ARG A 464 -2.98 9.06 23.35
C ARG A 464 -2.50 8.06 22.31
N CYS A 465 -1.92 6.96 22.77
CA CYS A 465 -1.57 5.90 21.86
C CYS A 465 -2.84 5.27 21.29
N GLN A 466 -3.88 5.10 22.11
CA GLN A 466 -5.17 4.64 21.61
C GLN A 466 -5.68 5.62 20.56
N LYS A 467 -5.74 6.90 20.91
CA LYS A 467 -6.19 7.94 19.97
C LYS A 467 -5.47 7.83 18.63
N ILE A 468 -4.15 7.72 18.66
CA ILE A 468 -3.41 7.48 17.44
C ILE A 468 -3.80 6.16 16.81
N CYS A 469 -3.81 5.10 17.62
CA CYS A 469 -4.11 3.79 17.07
C CYS A 469 -5.56 3.68 16.63
N ASP A 470 -6.46 4.39 17.32
CA ASP A 470 -7.87 4.33 16.95
C ASP A 470 -8.18 4.87 15.56
N GLN A 471 -7.48 5.93 15.18
CA GLN A 471 -7.69 6.48 13.85
C GLN A 471 -7.01 5.61 12.78
N TRP A 472 -5.90 4.98 13.12
CA TRP A 472 -5.11 4.26 12.13
C TRP A 472 -5.65 2.89 11.74
N ASP A 473 -6.25 2.18 12.69
CA ASP A 473 -6.89 0.90 12.39
C ASP A 473 -8.07 1.24 11.49
N ARG A 474 -8.66 2.40 11.78
CA ARG A 474 -9.81 2.88 11.04
C ARG A 474 -9.38 3.45 9.70
N LEU A 475 -8.33 4.25 9.67
CA LEU A 475 -7.86 4.76 8.39
C LEU A 475 -7.51 3.63 7.45
N GLY A 476 -6.92 2.58 7.98
CA GLY A 476 -6.64 1.40 7.18
C GLY A 476 -7.93 0.84 6.60
N THR A 477 -8.95 0.73 7.44
CA THR A 477 -10.22 0.19 6.96
C THR A 477 -11.02 1.17 6.13
N LEU A 478 -10.65 2.43 6.09
CA LEU A 478 -11.32 3.31 5.14
C LEU A 478 -10.77 3.20 3.73
N THR A 479 -9.46 2.96 3.59
CA THR A 479 -8.85 3.11 2.29
C THR A 479 -9.30 2.09 1.27
N GLN A 480 -9.53 0.84 1.67
CA GLN A 480 -10.01 -0.13 0.71
C GLN A 480 -11.48 0.16 0.43
N LYS A 481 -12.18 0.66 1.43
CA LYS A 481 -13.53 1.16 1.19
C LYS A 481 -13.54 2.22 0.10
N ARG A 482 -12.66 3.21 0.18
CA ARG A 482 -12.55 4.12 -0.95
C ARG A 482 -12.00 3.42 -2.21
N ARG A 483 -11.20 2.38 -2.04
CA ARG A 483 -10.65 1.72 -3.22
C ARG A 483 -11.72 0.90 -3.83
N GLU A 484 -12.42 0.15 -2.99
CA GLU A 484 -13.41 -0.78 -3.52
C GLU A 484 -14.45 0.06 -4.24
N ALA A 485 -14.94 1.10 -3.56
CA ALA A 485 -15.95 1.98 -4.12
C ALA A 485 -15.44 2.76 -5.33
N LEU A 486 -14.16 3.13 -5.32
CA LEU A 486 -13.58 3.77 -6.48
C LEU A 486 -13.66 2.84 -7.67
N GLU A 487 -13.45 1.56 -7.41
CA GLU A 487 -13.40 0.57 -8.47
C GLU A 487 -14.73 0.06 -9.02
N ARG A 488 -15.77 0.01 -8.18
CA ARG A 488 -17.11 -0.26 -8.69
C ARG A 488 -17.47 0.85 -9.67
N MET A 489 -17.47 2.08 -9.17
CA MET A 489 -17.81 3.22 -9.98
C MET A 489 -16.90 3.33 -11.21
N GLU A 490 -15.73 2.74 -11.14
CA GLU A 490 -14.85 2.75 -12.31
C GLU A 490 -15.29 1.72 -13.36
N LYS A 491 -15.69 0.53 -12.92
CA LYS A 491 -16.10 -0.53 -13.85
C LYS A 491 -17.37 -0.11 -14.60
N LEU A 492 -18.30 0.53 -13.89
CA LEU A 492 -19.50 1.07 -14.49
C LEU A 492 -19.17 1.95 -15.62
N LEU A 493 -18.48 3.03 -15.30
CA LEU A 493 -18.12 4.01 -16.31
C LEU A 493 -17.45 3.37 -17.54
N GLU A 494 -16.76 2.24 -17.35
CA GLU A 494 -16.11 1.53 -18.45
C GLU A 494 -17.16 0.91 -19.32
N THR A 495 -18.03 0.09 -18.71
CA THR A 495 -19.03 -0.68 -19.44
C THR A 495 -19.87 0.23 -20.36
N ILE A 496 -20.17 1.43 -19.88
CA ILE A 496 -20.96 2.34 -20.67
C ILE A 496 -20.20 2.68 -21.92
N ASP A 497 -19.00 3.22 -21.73
CA ASP A 497 -18.15 3.58 -22.85
C ASP A 497 -17.96 2.38 -23.76
N GLN A 498 -17.96 1.18 -23.18
CA GLN A 498 -17.76 0.01 -23.99
C GLN A 498 -18.92 -0.14 -24.97
N LEU A 499 -20.13 -0.11 -24.44
CA LEU A 499 -21.25 -0.15 -25.35
C LEU A 499 -21.47 1.17 -26.07
N HIS A 500 -21.08 2.27 -25.47
CA HIS A 500 -21.22 3.56 -26.10
C HIS A 500 -20.60 3.54 -27.48
N LEU A 501 -19.51 2.80 -27.62
CA LEU A 501 -18.87 2.73 -28.92
C LEU A 501 -19.23 1.50 -29.71
N GLU A 502 -20.04 0.62 -29.12
CA GLU A 502 -20.55 -0.55 -29.87
C GLU A 502 -21.64 -0.11 -30.82
N PHE A 503 -22.59 0.64 -30.24
CA PHE A 503 -23.55 1.40 -30.99
C PHE A 503 -22.83 2.16 -32.08
N ALA A 504 -21.75 2.82 -31.73
CA ALA A 504 -21.04 3.58 -32.72
C ALA A 504 -20.63 2.72 -33.92
N LYS A 505 -20.10 1.54 -33.64
CA LYS A 505 -19.62 0.64 -34.69
C LYS A 505 -20.78 0.06 -35.47
N ARG A 506 -21.88 -0.23 -34.78
CA ARG A 506 -23.04 -0.82 -35.45
C ARG A 506 -23.87 0.15 -36.30
N ALA A 507 -24.22 1.30 -35.75
CA ALA A 507 -25.22 2.11 -36.43
C ALA A 507 -24.64 2.92 -37.59
N ALA A 508 -23.33 2.95 -37.74
CA ALA A 508 -22.79 3.73 -38.85
C ALA A 508 -23.09 3.10 -40.21
N PRO A 509 -22.86 1.78 -40.36
CA PRO A 509 -23.25 1.12 -41.62
C PRO A 509 -24.75 1.02 -41.80
N PHE A 510 -25.46 0.79 -40.71
CA PHE A 510 -26.88 0.53 -40.84
C PHE A 510 -27.55 1.75 -41.43
N ASN A 511 -26.92 2.88 -41.22
CA ASN A 511 -27.41 4.08 -41.80
C ASN A 511 -26.93 4.14 -43.24
N ASN A 512 -25.88 3.41 -43.56
CA ASN A 512 -25.37 3.53 -44.91
C ASN A 512 -26.28 2.69 -45.75
N TRP A 513 -26.83 1.69 -45.07
CA TRP A 513 -27.64 0.71 -45.76
C TRP A 513 -29.01 1.26 -46.09
N MET A 514 -29.49 2.14 -45.23
CA MET A 514 -30.68 2.89 -45.54
C MET A 514 -30.38 3.82 -46.67
N GLU A 515 -29.23 4.46 -46.62
CA GLU A 515 -28.81 5.31 -47.71
C GLU A 515 -28.83 4.57 -49.03
N GLY A 516 -28.23 3.38 -49.05
CA GLY A 516 -28.15 2.56 -50.25
C GLY A 516 -29.53 2.17 -50.73
N ALA A 517 -30.38 1.75 -49.81
CA ALA A 517 -31.73 1.30 -50.14
C ALA A 517 -32.68 2.43 -50.51
N MET A 518 -32.53 3.60 -49.91
CA MET A 518 -33.34 4.70 -50.36
C MET A 518 -33.03 4.97 -51.82
N GLU A 519 -31.77 4.79 -52.20
CA GLU A 519 -31.34 5.08 -53.56
C GLU A 519 -31.87 4.04 -54.53
N ASP A 520 -32.00 2.81 -54.04
CA ASP A 520 -32.38 1.74 -54.92
C ASP A 520 -33.88 1.77 -55.18
N LEU A 521 -34.66 2.09 -54.17
CA LEU A 521 -36.10 2.21 -54.33
C LEU A 521 -36.50 3.32 -55.30
N GLN A 522 -35.67 4.34 -55.40
CA GLN A 522 -35.98 5.42 -56.30
C GLN A 522 -35.28 5.32 -57.64
N ASP A 523 -34.49 4.28 -57.86
CA ASP A 523 -33.73 4.24 -59.11
C ASP A 523 -34.63 4.16 -60.36
N MET A 524 -34.33 5.00 -61.36
CA MET A 524 -35.02 4.92 -62.64
C MET A 524 -34.54 3.66 -63.34
N PHE A 525 -35.33 3.14 -64.28
CA PHE A 525 -35.00 1.88 -64.95
C PHE A 525 -35.20 1.93 -66.46
N ILE A 526 -34.38 1.15 -67.17
CA ILE A 526 -34.53 0.97 -68.61
C ILE A 526 -35.09 -0.42 -68.93
N VAL A 527 -36.32 -0.50 -69.44
CA VAL A 527 -36.85 -1.83 -69.70
C VAL A 527 -37.46 -2.05 -71.07
N HIS A 528 -36.81 -2.91 -71.84
CA HIS A 528 -37.26 -3.27 -73.18
C HIS A 528 -37.97 -4.59 -73.36
N SER A 529 -38.09 -5.39 -72.32
CA SER A 529 -38.57 -6.74 -72.53
C SER A 529 -39.44 -7.14 -71.36
N ILE A 530 -40.03 -8.33 -71.44
CA ILE A 530 -40.92 -8.79 -70.38
C ILE A 530 -40.12 -9.34 -69.25
N GLU A 531 -39.09 -10.09 -69.60
CA GLU A 531 -38.19 -10.71 -68.64
C GLU A 531 -37.43 -9.70 -67.82
N GLU A 532 -36.87 -8.71 -68.50
CA GLU A 532 -36.12 -7.64 -67.87
C GLU A 532 -36.89 -7.11 -66.67
N ILE A 533 -38.18 -6.90 -66.88
CA ILE A 533 -39.04 -6.45 -65.82
C ILE A 533 -39.37 -7.58 -64.86
N GLN A 534 -39.50 -8.81 -65.35
CA GLN A 534 -39.84 -9.93 -64.47
C GLN A 534 -38.81 -9.91 -63.37
N SER A 535 -37.59 -9.59 -63.77
CA SER A 535 -36.44 -9.68 -62.88
C SER A 535 -36.24 -8.52 -61.90
N LEU A 536 -36.51 -7.29 -62.31
CA LEU A 536 -36.44 -6.17 -61.38
C LEU A 536 -37.45 -6.43 -60.31
N ILE A 537 -38.60 -6.89 -60.76
CA ILE A 537 -39.71 -7.27 -59.93
C ILE A 537 -39.19 -8.35 -59.01
N THR A 538 -38.41 -9.28 -59.58
CA THR A 538 -37.93 -10.41 -58.81
C THR A 538 -36.79 -10.04 -57.86
N ALA A 539 -36.12 -8.93 -58.14
CA ALA A 539 -35.16 -8.40 -57.21
C ALA A 539 -35.90 -7.90 -55.98
N HIS A 540 -36.89 -7.07 -56.23
CA HIS A 540 -37.47 -6.24 -55.21
C HIS A 540 -38.21 -7.06 -54.15
N GLU A 541 -38.96 -8.07 -54.55
CA GLU A 541 -39.79 -8.74 -53.55
C GLU A 541 -38.88 -9.53 -52.62
N GLN A 542 -37.74 -9.97 -53.15
CA GLN A 542 -36.71 -10.56 -52.32
C GLN A 542 -36.24 -9.55 -51.30
N PHE A 543 -35.82 -8.37 -51.75
CA PHE A 543 -35.44 -7.29 -50.83
C PHE A 543 -36.50 -7.15 -49.75
N ALA A 545 -38.16 -9.31 -48.36
CA ALA A 545 -38.15 -10.44 -47.46
C ALA A 545 -37.08 -10.35 -46.36
N THR A 546 -36.01 -9.62 -46.62
CA THR A 546 -35.05 -9.31 -45.57
C THR A 546 -35.60 -8.20 -44.72
N LEU A 547 -36.22 -7.23 -45.36
CA LEU A 547 -36.59 -5.97 -44.73
C LEU A 547 -37.18 -6.08 -43.34
N PRO A 548 -37.98 -7.13 -43.04
CA PRO A 548 -38.27 -7.29 -41.59
C PRO A 548 -37.07 -7.71 -40.73
N GLU A 549 -36.10 -8.45 -41.26
CA GLU A 549 -34.90 -8.75 -40.47
C GLU A 549 -34.20 -7.46 -40.12
N ALA A 550 -34.02 -6.60 -41.11
CA ALA A 550 -33.47 -5.28 -40.86
C ALA A 550 -34.22 -4.50 -39.79
N ASP A 551 -35.53 -4.64 -39.71
CA ASP A 551 -36.21 -3.90 -38.66
C ASP A 551 -35.72 -4.45 -37.34
N GLY A 552 -35.55 -5.76 -37.26
CA GLY A 552 -35.04 -6.35 -36.04
C GLY A 552 -33.66 -5.85 -35.65
N GLU A 553 -32.80 -5.71 -36.65
CA GLU A 553 -31.46 -5.20 -36.41
C GLU A 553 -31.55 -3.80 -35.85
N ARG A 554 -32.16 -2.91 -36.61
CA ARG A 554 -32.35 -1.54 -36.18
C ARG A 554 -32.95 -1.50 -34.79
N GLN A 555 -33.88 -2.38 -34.52
CA GLN A 555 -34.44 -2.38 -33.18
C GLN A 555 -33.37 -2.75 -32.15
N SER A 556 -32.48 -3.69 -32.50
CA SER A 556 -31.41 -4.08 -31.56
C SER A 556 -30.48 -2.91 -31.25
N ILE A 557 -30.03 -2.26 -32.30
CA ILE A 557 -29.30 -1.03 -32.18
C ILE A 557 -29.97 0.02 -31.27
N MET A 558 -31.23 0.36 -31.48
CA MET A 558 -31.84 1.37 -30.61
C MET A 558 -31.79 0.94 -29.12
N ALA A 559 -31.66 -0.36 -28.88
CA ALA A 559 -31.73 -0.90 -27.53
C ALA A 559 -30.48 -0.58 -26.74
N ILE A 560 -29.38 -0.55 -27.48
CA ILE A 560 -28.12 -0.16 -26.92
C ILE A 560 -28.19 1.21 -26.26
N GLN A 561 -28.58 2.26 -27.00
CA GLN A 561 -28.54 3.60 -26.42
C GLN A 561 -29.60 3.72 -25.34
N ASN A 562 -30.58 2.84 -25.40
CA ASN A 562 -31.55 2.78 -24.34
C ASN A 562 -31.02 1.97 -23.15
N GLU A 563 -30.16 1.00 -23.41
CA GLU A 563 -29.54 0.24 -22.32
C GLU A 563 -28.69 1.12 -21.42
N VAL A 564 -27.77 1.87 -22.02
CA VAL A 564 -27.01 2.85 -21.26
C VAL A 564 -27.96 3.70 -20.43
N GLU A 565 -28.99 4.28 -21.02
CA GLU A 565 -29.81 5.18 -20.23
C GLU A 565 -30.37 4.47 -19.00
N LYS A 566 -30.72 3.21 -19.18
CA LYS A 566 -31.23 2.40 -18.09
C LYS A 566 -30.20 2.27 -16.98
N VAL A 567 -28.97 1.95 -17.36
CA VAL A 567 -27.91 1.80 -16.38
C VAL A 567 -27.82 3.08 -15.55
N ILE A 568 -27.61 4.20 -16.22
CA ILE A 568 -27.21 5.40 -15.50
C ILE A 568 -28.36 5.89 -14.65
N GLN A 569 -29.58 5.59 -15.08
CA GLN A 569 -30.73 5.95 -14.28
C GLN A 569 -30.74 5.10 -13.04
N SER A 570 -30.23 3.89 -13.14
CA SER A 570 -30.32 2.98 -12.00
C SER A 570 -29.31 3.28 -10.88
N TYR A 571 -28.16 3.83 -11.25
CA TYR A 571 -27.14 4.19 -10.27
C TYR A 571 -27.05 5.66 -9.83
N ASN A 572 -27.96 6.49 -10.30
CA ASN A 572 -27.87 7.96 -10.19
C ASN A 572 -26.51 8.55 -10.63
N ILE A 573 -25.90 7.91 -11.63
CA ILE A 573 -24.75 8.48 -12.30
C ILE A 573 -25.07 9.87 -12.86
N ARG A 574 -24.14 10.81 -12.77
CA ARG A 574 -24.37 12.12 -13.35
C ARG A 574 -23.83 12.26 -14.77
N ILE A 575 -23.36 11.18 -15.39
CA ILE A 575 -22.78 11.29 -16.73
C ILE A 575 -23.77 11.76 -17.85
N SER A 576 -23.24 12.31 -18.95
CA SER A 576 -24.06 12.89 -19.99
C SER A 576 -24.79 11.89 -20.83
N SER A 577 -24.29 10.66 -20.95
CA SER A 577 -24.96 9.66 -21.79
C SER A 577 -24.97 9.93 -23.32
N SER A 578 -24.52 11.11 -23.76
CA SER A 578 -24.48 11.39 -25.19
C SER A 578 -23.25 10.73 -25.77
N ASN A 579 -23.41 10.05 -26.89
CA ASN A 579 -22.31 9.37 -27.54
C ASN A 579 -21.38 10.36 -28.23
N PRO A 580 -20.11 10.39 -27.79
CA PRO A 580 -18.98 11.20 -28.30
C PRO A 580 -18.49 10.76 -29.66
N TYR A 581 -18.52 9.44 -29.87
CA TYR A 581 -18.05 8.77 -31.09
C TYR A 581 -19.02 8.77 -32.27
N SER A 582 -20.32 8.78 -31.99
CA SER A 582 -21.31 8.61 -33.04
C SER A 582 -21.64 9.88 -33.78
N THR A 583 -21.57 9.80 -35.10
CA THR A 583 -22.04 10.84 -35.98
C THR A 583 -23.57 10.81 -36.09
N VAL A 584 -24.14 9.61 -36.00
CA VAL A 584 -25.57 9.38 -36.25
C VAL A 584 -26.45 9.48 -35.01
N THR A 585 -27.51 10.30 -35.08
CA THR A 585 -28.46 10.41 -33.97
C THR A 585 -29.33 9.21 -33.97
N MET A 586 -30.00 8.95 -32.85
CA MET A 586 -30.89 7.82 -32.86
C MET A 586 -32.04 8.17 -33.75
N ASP A 587 -32.57 9.39 -33.63
CA ASP A 587 -33.71 9.73 -34.48
C ASP A 587 -33.38 9.79 -35.97
N GLU A 588 -32.15 10.16 -36.32
CA GLU A 588 -31.74 10.18 -37.73
C GLU A 588 -31.92 8.82 -38.38
N LEU A 589 -31.82 7.77 -37.58
CA LEU A 589 -32.15 6.46 -38.09
C LEU A 589 -33.64 6.42 -38.19
N ARG A 590 -34.28 6.76 -37.09
CA ARG A 590 -35.71 6.54 -36.91
C ARG A 590 -36.52 7.06 -38.08
N THR A 591 -36.24 8.29 -38.51
CA THR A 591 -36.96 8.92 -39.60
C THR A 591 -36.61 8.28 -40.94
N LYS A 592 -35.34 8.06 -41.15
CA LYS A 592 -34.84 7.42 -42.36
C LYS A 592 -35.52 6.09 -42.62
N TRP A 593 -35.72 5.30 -41.57
CA TRP A 593 -36.30 3.96 -41.67
C TRP A 593 -37.69 4.06 -42.15
N ASP A 594 -38.38 5.01 -41.55
CA ASP A 594 -39.70 5.38 -41.99
C ASP A 594 -39.70 5.70 -43.48
N LYS A 595 -38.82 6.62 -43.88
CA LYS A 595 -38.80 7.00 -45.29
C LYS A 595 -38.52 5.82 -46.21
N VAL A 596 -37.76 4.83 -45.75
CA VAL A 596 -37.58 3.63 -46.56
C VAL A 596 -38.87 2.82 -46.58
N LYS A 597 -39.47 2.60 -45.41
CA LYS A 597 -40.68 1.80 -45.31
C LYS A 597 -41.74 2.34 -46.23
N GLN A 598 -41.94 3.66 -46.16
CA GLN A 598 -42.96 4.32 -46.96
C GLN A 598 -42.65 4.26 -48.44
N LEU A 599 -41.37 4.21 -48.76
CA LEU A 599 -40.99 4.19 -50.15
C LEU A 599 -41.24 2.87 -50.82
N VAL A 600 -41.30 1.76 -50.09
CA VAL A 600 -41.44 0.49 -50.84
C VAL A 600 -42.78 0.33 -51.55
N PRO A 601 -43.89 0.66 -50.86
CA PRO A 601 -45.17 0.60 -51.56
C PRO A 601 -45.18 1.49 -52.78
N ILE A 602 -44.72 2.71 -52.65
CA ILE A 602 -44.70 3.58 -53.80
C ILE A 602 -43.91 2.95 -54.94
N ARG A 603 -42.88 2.20 -54.59
CA ARG A 603 -42.00 1.61 -55.61
C ARG A 603 -42.58 0.39 -56.26
N ASP A 604 -43.11 -0.50 -55.43
CA ASP A 604 -43.60 -1.76 -55.97
C ASP A 604 -44.64 -1.50 -57.07
N GLN A 605 -45.59 -0.62 -56.77
CA GLN A 605 -46.63 -0.26 -57.69
C GLN A 605 -45.98 0.19 -58.98
N SER A 606 -45.06 1.13 -58.86
CA SER A 606 -44.35 1.68 -60.00
C SER A 606 -43.80 0.56 -60.85
N LEU A 607 -43.27 -0.43 -60.17
CA LEU A 607 -42.71 -1.60 -60.79
C LEU A 607 -43.75 -2.46 -61.52
N GLN A 608 -44.90 -2.72 -60.91
CA GLN A 608 -46.02 -3.46 -61.54
C GLN A 608 -46.43 -2.82 -62.87
N GLU A 609 -46.66 -1.52 -62.84
CA GLU A 609 -47.10 -0.78 -64.00
C GLU A 609 -46.19 -1.08 -65.16
N GLU A 610 -44.91 -1.22 -64.86
CA GLU A 610 -43.95 -1.38 -65.90
C GLU A 610 -44.03 -2.76 -66.47
N LEU A 611 -44.62 -3.66 -65.70
CA LEU A 611 -44.87 -5.02 -66.14
C LEU A 611 -46.05 -5.01 -67.08
N ALA A 612 -47.07 -4.25 -66.69
CA ALA A 612 -48.27 -4.15 -67.51
C ALA A 612 -48.00 -3.48 -68.85
N ARG A 613 -47.20 -2.42 -68.84
CA ARG A 613 -46.85 -1.76 -70.08
C ARG A 613 -46.03 -2.71 -70.95
N GLN A 614 -45.20 -3.51 -70.31
CA GLN A 614 -44.41 -4.41 -71.10
C GLN A 614 -45.26 -5.52 -71.69
N HIS A 615 -46.38 -5.84 -71.05
CA HIS A 615 -47.36 -6.78 -71.62
C HIS A 615 -48.17 -6.16 -72.76
N ALA A 616 -48.73 -4.98 -72.53
CA ALA A 616 -49.50 -4.29 -73.56
C ALA A 616 -48.67 -4.19 -74.81
N ASN A 617 -47.37 -4.05 -74.63
CA ASN A 617 -46.49 -4.04 -75.77
C ASN A 617 -46.38 -5.42 -76.44
N GLU A 618 -46.63 -6.47 -75.69
CA GLU A 618 -46.47 -7.77 -76.29
C GLU A 618 -47.69 -8.08 -77.11
N ARG A 619 -48.84 -7.66 -76.62
CA ARG A 619 -50.05 -7.81 -77.42
C ARG A 619 -49.84 -7.05 -78.72
N LEU A 620 -49.47 -5.78 -78.61
CA LEU A 620 -49.18 -4.97 -79.79
C LEU A 620 -48.15 -5.62 -80.71
N ARG A 621 -47.24 -6.40 -80.16
CA ARG A 621 -46.24 -7.07 -80.97
C ARG A 621 -46.88 -8.28 -81.63
N ARG A 622 -47.77 -8.91 -80.90
CA ARG A 622 -48.39 -10.13 -81.36
C ARG A 622 -49.39 -9.85 -82.47
N GLN A 623 -50.33 -8.94 -82.20
CA GLN A 623 -51.43 -8.66 -83.10
C GLN A 623 -50.90 -8.15 -84.39
N PHE A 624 -49.94 -7.23 -84.36
CA PHE A 624 -49.34 -6.77 -85.61
C PHE A 624 -48.61 -7.87 -86.38
N ALA A 625 -48.08 -8.86 -85.69
CA ALA A 625 -47.35 -9.91 -86.38
C ALA A 625 -48.32 -10.93 -86.97
N ALA A 626 -49.43 -11.13 -86.28
CA ALA A 626 -50.37 -12.15 -86.67
C ALA A 626 -51.14 -11.70 -87.91
N GLN A 627 -51.45 -10.41 -88.00
CA GLN A 627 -51.89 -9.87 -89.27
C GLN A 627 -50.80 -10.08 -90.30
N ALA A 628 -49.69 -9.39 -90.10
CA ALA A 628 -48.62 -9.32 -91.10
C ALA A 628 -48.08 -10.65 -91.56
N ASN A 629 -48.22 -11.67 -90.73
CA ASN A 629 -47.81 -13.00 -91.14
C ASN A 629 -48.81 -13.59 -92.10
N ALA A 630 -50.05 -13.09 -92.03
CA ALA A 630 -51.06 -13.53 -92.97
C ALA A 630 -50.86 -12.88 -94.33
N ILE A 631 -50.71 -11.58 -94.32
CA ILE A 631 -50.72 -10.80 -95.55
C ILE A 631 -49.55 -11.17 -96.48
N GLY A 632 -48.35 -11.22 -95.91
CA GLY A 632 -47.11 -11.39 -96.67
C GLY A 632 -46.96 -12.51 -97.70
N PRO A 633 -47.40 -13.74 -97.36
CA PRO A 633 -47.44 -14.83 -98.33
C PRO A 633 -48.54 -14.66 -99.38
N TRP A 634 -49.62 -13.97 -98.99
CA TRP A 634 -50.80 -13.83 -99.83
C TRP A 634 -50.52 -12.87 -100.97
N ILE A 635 -49.72 -11.83 -100.70
CA ILE A 635 -49.20 -11.00 -101.77
C ILE A 635 -48.40 -11.96 -102.64
N GLN A 636 -47.40 -12.61 -102.06
CA GLN A 636 -46.49 -13.44 -102.83
C GLN A 636 -47.21 -14.61 -103.48
N ASN A 637 -48.40 -14.95 -102.97
CA ASN A 637 -49.25 -15.94 -103.60
C ASN A 637 -49.92 -15.36 -104.83
N LYS A 638 -50.78 -14.37 -104.62
CA LYS A 638 -51.43 -13.66 -105.70
C LYS A 638 -50.40 -13.16 -106.72
N MET A 639 -49.20 -12.80 -106.25
CA MET A 639 -48.19 -12.21 -107.12
C MET A 639 -47.57 -13.23 -108.05
N GLU A 640 -47.28 -14.42 -107.52
CA GLU A 640 -46.66 -15.46 -108.33
C GLU A 640 -47.75 -16.06 -109.20
N GLU A 641 -48.98 -15.92 -108.72
CA GLU A 641 -50.15 -16.43 -109.42
C GLU A 641 -50.63 -15.55 -110.59
N ILE A 642 -50.21 -14.28 -110.65
CA ILE A 642 -50.52 -13.47 -111.83
C ILE A 642 -49.53 -13.76 -112.96
N ALA A 643 -48.28 -14.06 -112.62
CA ALA A 643 -47.27 -14.43 -113.61
C ALA A 643 -47.65 -15.77 -114.21
N ARG A 644 -48.18 -16.63 -113.36
CA ARG A 644 -48.69 -17.94 -113.75
C ARG A 644 -49.81 -17.84 -114.80
N SER A 645 -50.79 -16.98 -114.54
CA SER A 645 -51.99 -16.92 -115.39
C SER A 645 -51.71 -16.44 -116.81
N SER A 646 -50.61 -15.72 -116.99
CA SER A 646 -50.25 -15.17 -118.30
C SER A 646 -49.92 -16.24 -119.34
N ILE A 647 -48.97 -17.12 -119.03
CA ILE A 647 -48.34 -18.01 -120.02
C ILE A 647 -49.22 -19.00 -120.77
N GLN A 648 -50.44 -19.23 -120.30
CA GLN A 648 -51.24 -20.33 -120.86
C GLN A 648 -51.37 -20.18 -122.38
N ILE A 649 -50.97 -21.24 -123.07
CA ILE A 649 -50.79 -21.18 -124.52
C ILE A 649 -52.13 -20.96 -125.23
N THR A 650 -53.19 -21.49 -124.65
CA THR A 650 -54.54 -21.35 -125.18
C THR A 650 -55.12 -19.97 -124.95
N GLY A 651 -56.15 -19.64 -125.71
CA GLY A 651 -57.04 -18.57 -125.32
C GLY A 651 -58.44 -18.78 -125.86
N ALA A 652 -59.46 -18.28 -125.15
CA ALA A 652 -59.36 -17.79 -123.76
C ALA A 652 -58.87 -16.36 -123.52
N LEU A 653 -58.62 -15.62 -124.61
CA LEU A 653 -58.37 -14.18 -124.48
C LEU A 653 -59.42 -13.54 -123.55
N GLU A 654 -60.67 -13.95 -123.69
CA GLU A 654 -61.72 -13.47 -122.80
C GLU A 654 -61.42 -13.85 -121.34
N ASP A 655 -60.98 -15.10 -121.14
CA ASP A 655 -60.65 -15.63 -119.82
C ASP A 655 -59.51 -14.85 -119.19
N GLN A 656 -58.60 -14.42 -120.05
CA GLN A 656 -57.51 -13.54 -119.66
C GLN A 656 -58.08 -12.30 -119.01
N MET A 657 -59.13 -11.73 -119.61
CA MET A 657 -59.77 -10.56 -119.02
C MET A 657 -60.73 -10.88 -117.89
N ASN A 658 -61.61 -11.85 -118.09
CA ASN A 658 -62.60 -12.17 -117.06
C ASN A 658 -62.01 -12.66 -115.75
N GLN A 659 -61.10 -13.63 -115.82
CA GLN A 659 -60.45 -14.16 -114.63
C GLN A 659 -59.64 -13.09 -113.92
N LEU A 660 -59.00 -12.24 -114.72
CA LEU A 660 -58.10 -11.23 -114.18
C LEU A 660 -58.82 -10.09 -113.44
N LYS A 661 -59.98 -9.68 -113.94
CA LYS A 661 -60.73 -8.62 -113.30
C LYS A 661 -61.47 -9.10 -112.06
N GLN A 662 -61.48 -10.42 -111.85
CA GLN A 662 -62.01 -10.99 -110.61
C GLN A 662 -60.96 -10.95 -109.53
N TYR A 663 -59.70 -10.81 -109.93
CA TYR A 663 -58.62 -10.59 -108.97
C TYR A 663 -58.81 -9.19 -108.41
N GLU A 664 -59.15 -8.26 -109.28
CA GLU A 664 -59.45 -6.89 -108.91
C GLU A 664 -60.49 -6.77 -107.81
N HIS A 665 -61.60 -7.47 -107.98
CA HIS A 665 -62.66 -7.44 -106.98
C HIS A 665 -62.19 -8.15 -105.71
N ASN A 666 -61.38 -9.19 -105.92
CA ASN A 666 -60.70 -9.90 -104.85
C ASN A 666 -59.74 -8.94 -104.13
N ILE A 667 -58.98 -8.17 -104.90
CA ILE A 667 -57.96 -7.29 -104.32
C ILE A 667 -58.53 -6.18 -103.46
N ILE A 668 -59.56 -5.49 -103.92
CA ILE A 668 -60.10 -4.37 -103.18
C ILE A 668 -60.78 -4.78 -101.87
N ASN A 669 -61.25 -6.03 -101.83
CA ASN A 669 -61.78 -6.64 -100.63
C ASN A 669 -60.68 -6.65 -99.56
N TYR A 670 -59.45 -6.87 -100.00
CA TYR A 670 -58.30 -6.95 -99.08
C TYR A 670 -57.88 -5.61 -98.54
N ASN A 672 -59.11 -3.21 -97.05
CA ASN A 672 -59.42 -3.03 -95.63
C ASN A 672 -58.42 -3.76 -94.74
N ASN A 673 -58.08 -4.98 -95.14
CA ASN A 673 -57.15 -5.83 -94.37
C ASN A 673 -55.75 -5.21 -94.25
N ILE A 674 -55.24 -4.67 -95.35
CA ILE A 674 -53.95 -4.00 -95.28
C ILE A 674 -54.05 -2.81 -94.34
N ASP A 675 -55.21 -2.17 -94.31
CA ASP A 675 -55.35 -0.98 -93.49
C ASP A 675 -55.36 -1.32 -92.02
N LYS A 676 -56.01 -2.43 -91.67
CA LYS A 676 -56.05 -2.91 -90.29
C LYS A 676 -54.65 -3.18 -89.77
N LEU A 677 -53.83 -3.81 -90.60
CA LEU A 677 -52.44 -4.02 -90.26
C LEU A 677 -51.76 -2.71 -90.01
N GLU A 678 -51.85 -1.80 -90.97
CA GLU A 678 -51.22 -0.50 -90.86
C GLU A 678 -51.65 0.11 -89.53
N GLY A 679 -52.94 -0.08 -89.22
CA GLY A 679 -53.54 0.37 -87.97
C GLY A 679 -52.76 -0.09 -86.75
N ASP A 680 -52.50 -1.38 -86.66
CA ASP A 680 -51.70 -1.96 -85.58
C ASP A 680 -50.29 -1.37 -85.52
N HIS A 681 -49.70 -1.13 -86.69
CA HIS A 681 -48.34 -0.63 -86.72
C HIS A 681 -48.27 0.78 -86.19
N GLN A 682 -49.29 1.59 -86.41
CA GLN A 682 -49.19 2.94 -85.86
C GLN A 682 -49.12 2.89 -84.34
N LEU A 683 -49.89 1.99 -83.75
CA LEU A 683 -49.93 1.80 -82.30
C LEU A 683 -48.53 1.52 -81.71
N ILE A 684 -47.89 0.48 -82.21
CA ILE A 684 -46.61 0.06 -81.69
C ILE A 684 -45.58 1.10 -82.01
N GLN A 685 -45.82 1.94 -82.99
CA GLN A 685 -44.82 2.95 -83.21
C GLN A 685 -45.03 4.06 -82.22
N GLU A 686 -46.28 4.43 -82.05
CA GLU A 686 -46.66 5.58 -81.21
C GLU A 686 -46.10 5.42 -79.81
N ALA A 687 -46.61 4.40 -79.13
CA ALA A 687 -46.13 3.97 -77.81
C ALA A 687 -45.07 2.96 -78.19
N LEU A 688 -43.86 3.08 -77.67
CA LEU A 688 -42.65 3.11 -78.49
C LEU A 688 -41.96 1.88 -79.05
N VAL A 689 -42.53 0.68 -78.94
CA VAL A 689 -41.82 -0.51 -79.40
C VAL A 689 -41.29 -0.49 -80.85
N PHE A 690 -39.97 -0.63 -80.97
CA PHE A 690 -39.27 -0.67 -82.26
C PHE A 690 -38.83 -2.04 -82.79
N ASP A 691 -39.17 -3.09 -82.08
CA ASP A 691 -38.71 -4.44 -82.41
C ASP A 691 -39.88 -5.42 -82.43
N ASN A 692 -39.92 -6.26 -83.46
CA ASN A 692 -40.84 -7.38 -83.45
C ASN A 692 -40.04 -8.62 -83.77
N LYS A 693 -39.97 -9.54 -82.81
CA LYS A 693 -39.25 -10.77 -83.02
C LYS A 693 -40.27 -11.74 -83.55
N HIS A 694 -41.48 -11.24 -83.72
CA HIS A 694 -42.61 -12.05 -84.16
C HIS A 694 -42.94 -12.12 -85.66
N THR A 695 -42.27 -11.30 -86.46
CA THR A 695 -42.39 -11.31 -87.91
C THR A 695 -41.10 -10.78 -88.53
N ASN A 696 -40.78 -11.22 -89.74
CA ASN A 696 -39.68 -10.65 -90.49
C ASN A 696 -40.13 -9.62 -91.53
N TYR A 697 -41.44 -9.36 -91.55
CA TYR A 697 -42.05 -8.53 -92.58
C TYR A 697 -41.81 -7.04 -92.44
N THR A 698 -42.10 -6.54 -91.26
CA THR A 698 -41.88 -5.12 -90.92
C THR A 698 -42.38 -4.04 -91.87
N MET A 699 -43.63 -4.14 -92.30
CA MET A 699 -44.44 -2.97 -92.68
C MET A 699 -43.72 -2.13 -93.74
N GLU A 700 -42.80 -2.78 -94.43
CA GLU A 700 -41.98 -2.12 -95.42
C GLU A 700 -42.04 -2.95 -96.66
N HIS A 701 -41.62 -4.20 -96.51
CA HIS A 701 -42.02 -5.21 -97.47
C HIS A 701 -43.49 -4.99 -97.72
N ILE A 702 -44.31 -5.12 -96.68
CA ILE A 702 -45.74 -5.05 -96.87
C ILE A 702 -46.17 -3.78 -97.58
N ARG A 703 -45.69 -2.64 -97.10
CA ARG A 703 -46.02 -1.41 -97.77
C ARG A 703 -45.50 -1.40 -99.22
N VAL A 704 -44.27 -1.88 -99.40
CA VAL A 704 -43.73 -2.05 -100.75
C VAL A 704 -44.41 -3.18 -101.55
N GLY A 705 -44.49 -4.37 -100.97
CA GLY A 705 -44.91 -5.55 -101.70
C GLY A 705 -46.28 -5.43 -102.33
N TRP A 706 -47.19 -4.85 -101.56
CA TRP A 706 -48.58 -4.74 -101.98
C TRP A 706 -48.76 -3.62 -102.98
N GLU A 707 -48.11 -2.49 -102.71
CA GLU A 707 -48.09 -1.40 -103.68
C GLU A 707 -47.61 -1.99 -105.00
N LEU A 708 -46.49 -2.71 -104.95
CA LEU A 708 -45.88 -3.25 -106.15
C LEU A 708 -46.79 -4.23 -106.87
N LEU A 709 -47.55 -5.01 -106.12
CA LEU A 709 -48.58 -5.85 -106.72
C LEU A 709 -49.54 -5.00 -107.58
N LEU A 710 -50.07 -3.97 -106.94
CA LEU A 710 -51.08 -3.13 -107.55
C LEU A 710 -50.60 -2.52 -108.83
N THR A 711 -49.32 -2.20 -108.91
CA THR A 711 -48.79 -1.64 -110.14
C THR A 711 -48.74 -2.75 -111.18
N THR A 712 -48.34 -3.94 -110.74
CA THR A 712 -48.20 -5.05 -111.66
C THR A 712 -49.53 -5.45 -112.29
N ILE A 713 -50.60 -5.43 -111.52
CA ILE A 713 -51.89 -5.81 -112.08
C ILE A 713 -52.27 -4.83 -113.21
N ALA A 714 -52.32 -3.53 -112.90
CA ALA A 714 -52.74 -2.51 -113.86
C ALA A 714 -51.98 -2.64 -115.17
N ARG A 715 -50.69 -2.98 -115.05
CA ARG A 715 -49.80 -3.14 -116.18
C ARG A 715 -50.21 -4.33 -117.04
N THR A 716 -50.54 -5.47 -116.43
CA THR A 716 -50.99 -6.61 -117.22
C THR A 716 -52.41 -6.43 -117.74
N ILE A 717 -53.25 -5.75 -116.96
CA ILE A 717 -54.59 -5.39 -117.43
C ILE A 717 -54.41 -4.59 -118.71
N ASN A 718 -53.59 -3.55 -118.61
CA ASN A 718 -53.29 -2.74 -119.76
C ASN A 718 -52.54 -3.56 -120.78
N GLU A 719 -51.57 -4.36 -120.33
CA GLU A 719 -50.76 -5.15 -121.25
C GLU A 719 -51.67 -5.92 -122.19
N VAL A 720 -52.70 -6.54 -121.63
CA VAL A 720 -53.69 -7.23 -122.44
C VAL A 720 -54.70 -6.27 -123.07
N GLU A 721 -55.14 -5.28 -122.30
CA GLU A 721 -56.05 -4.24 -122.80
C GLU A 721 -55.51 -3.63 -124.09
N THR A 722 -54.23 -3.26 -124.04
CA THR A 722 -53.50 -2.80 -125.22
C THR A 722 -53.57 -3.84 -126.31
N GLN A 723 -53.01 -5.02 -126.03
CA GLN A 723 -52.81 -6.03 -127.06
C GLN A 723 -54.10 -6.55 -127.70
N ILE A 724 -55.24 -6.23 -127.09
CA ILE A 724 -56.52 -6.52 -127.72
C ILE A 724 -56.80 -5.56 -128.88
N LEU A 725 -56.40 -4.29 -128.73
CA LEU A 725 -56.63 -3.30 -129.78
C LEU A 725 -55.66 -3.45 -130.96
N THR A 726 -54.50 -4.04 -130.69
CA THR A 726 -53.53 -4.26 -131.75
C THR A 726 -53.91 -5.49 -132.58
N ARG A 727 -54.53 -6.48 -131.94
CA ARG A 727 -55.06 -7.64 -132.66
C ARG A 727 -56.38 -7.40 -133.42
N ASP A 728 -57.39 -6.88 -132.74
CA ASP A 728 -58.75 -6.85 -133.29
C ASP A 728 -59.12 -5.74 -134.27
N ALA A 729 -58.61 -4.52 -134.02
CA ALA A 729 -59.11 -3.30 -134.66
C ALA A 729 -59.28 -3.50 -136.15
N LYS A 730 -58.17 -3.67 -136.84
CA LYS A 730 -58.18 -4.36 -138.11
C LYS A 730 -56.95 -5.25 -138.05
N GLY A 731 -57.12 -6.56 -138.14
CA GLY A 731 -55.95 -7.42 -138.10
C GLY A 731 -56.14 -8.90 -137.91
N ILE A 732 -55.09 -9.56 -137.45
CA ILE A 732 -55.05 -11.00 -137.39
C ILE A 732 -56.05 -11.56 -136.34
N THR A 733 -56.91 -12.49 -136.79
CA THR A 733 -58.01 -13.04 -135.99
C THR A 733 -58.38 -14.42 -136.63
N GLN A 734 -59.16 -15.31 -135.99
CA GLN A 734 -59.73 -15.21 -134.67
C GLN A 734 -59.35 -16.44 -133.88
N GLU A 735 -59.88 -17.58 -134.33
CA GLU A 735 -59.55 -18.89 -133.78
C GLU A 735 -58.14 -19.23 -134.26
N GLN A 736 -57.86 -18.88 -135.51
CA GLN A 736 -56.53 -19.04 -136.07
C GLN A 736 -55.60 -18.03 -135.43
N MET A 737 -56.17 -17.00 -134.83
CA MET A 737 -55.40 -16.09 -133.99
C MET A 737 -54.94 -16.76 -132.70
N ASN A 738 -55.84 -17.55 -132.08
CA ASN A 738 -55.49 -18.32 -130.88
C ASN A 738 -54.49 -19.43 -131.20
N GLU A 739 -54.61 -19.97 -132.40
CA GLU A 739 -53.76 -21.06 -132.85
C GLU A 739 -52.29 -20.60 -132.95
N PHE A 740 -52.08 -19.39 -133.46
CA PHE A 740 -50.73 -18.83 -133.48
C PHE A 740 -50.41 -18.04 -132.20
N ARG A 741 -51.43 -17.85 -131.36
CA ARG A 741 -51.22 -17.38 -129.99
C ARG A 741 -50.83 -18.59 -129.16
N ALA A 742 -51.08 -19.77 -129.73
CA ALA A 742 -50.46 -20.98 -129.23
C ALA A 742 -49.03 -21.05 -129.78
N SER A 743 -48.83 -20.48 -130.98
CA SER A 743 -47.49 -20.31 -131.56
C SER A 743 -46.67 -19.23 -130.83
N PHE A 744 -47.36 -18.19 -130.37
CA PHE A 744 -46.73 -17.12 -129.57
C PHE A 744 -46.07 -17.70 -128.32
N ASN A 745 -46.77 -18.59 -127.64
CA ASN A 745 -46.24 -19.30 -126.48
C ASN A 745 -45.68 -20.71 -126.75
N HIS A 746 -45.63 -21.10 -128.02
CA HIS A 746 -45.22 -22.45 -128.43
C HIS A 746 -43.91 -22.88 -127.77
N PHE A 747 -42.90 -22.03 -127.89
CA PHE A 747 -41.62 -22.32 -127.31
C PHE A 747 -41.21 -21.21 -126.40
N ASP A 748 -41.19 -21.61 -125.14
CA ASP A 748 -41.00 -20.73 -124.03
C ASP A 748 -39.62 -21.12 -123.55
N ARG A 749 -39.55 -22.30 -122.95
CA ARG A 749 -38.33 -22.86 -122.38
C ARG A 749 -37.48 -21.87 -121.57
N ARG A 750 -38.02 -21.30 -120.47
CA ARG A 750 -39.44 -21.27 -120.16
C ARG A 750 -40.01 -19.96 -120.70
N LYS A 751 -41.28 -19.68 -120.44
CA LYS A 751 -41.90 -18.45 -120.96
C LYS A 751 -41.19 -17.26 -120.36
N ASN A 752 -40.77 -17.45 -119.12
CA ASN A 752 -39.88 -16.54 -118.45
C ASN A 752 -38.47 -17.14 -118.39
N GLY A 753 -37.49 -16.38 -118.88
CA GLY A 753 -36.11 -16.86 -118.95
C GLY A 753 -35.14 -15.75 -119.29
N LEU A 754 -33.91 -16.12 -119.65
CA LEU A 754 -32.90 -15.13 -120.03
C LEU A 754 -32.77 -15.00 -121.54
N MET A 755 -32.66 -13.76 -122.01
CA MET A 755 -32.60 -13.49 -123.43
C MET A 755 -31.31 -12.68 -123.68
N ASP A 756 -30.84 -12.58 -124.93
CA ASP A 756 -31.61 -12.84 -126.15
C ASP A 756 -31.70 -14.27 -126.69
N HIS A 757 -30.56 -14.84 -127.06
CA HIS A 757 -30.49 -16.03 -127.92
C HIS A 757 -31.36 -17.22 -127.49
N GLU A 758 -31.69 -17.32 -126.20
CA GLU A 758 -32.59 -18.37 -125.76
C GLU A 758 -33.97 -18.35 -126.47
N ASP A 759 -34.82 -17.36 -126.17
CA ASP A 759 -36.17 -17.30 -126.75
C ASP A 759 -36.24 -16.71 -128.16
N PHE A 760 -35.51 -15.61 -128.35
CA PHE A 760 -35.47 -14.91 -129.64
C PHE A 760 -34.97 -15.79 -130.79
N ARG A 761 -33.85 -16.51 -130.56
CA ARG A 761 -33.35 -17.37 -131.59
C ARG A 761 -34.27 -18.54 -131.73
N ALA A 762 -34.54 -19.27 -130.66
CA ALA A 762 -35.38 -20.48 -130.75
C ALA A 762 -36.69 -20.32 -131.53
N CYS A 763 -37.58 -19.45 -131.01
CA CYS A 763 -38.84 -19.11 -131.68
C CYS A 763 -38.71 -18.73 -133.18
N LEU A 764 -37.64 -17.99 -133.55
CA LEU A 764 -37.40 -17.61 -134.96
C LEU A 764 -37.02 -18.83 -135.80
N ILE A 765 -35.97 -19.53 -135.42
CA ILE A 765 -35.58 -20.78 -136.12
C ILE A 765 -36.65 -21.89 -136.11
N SER A 766 -37.55 -21.87 -135.12
CA SER A 766 -38.54 -22.95 -134.95
C SER A 766 -39.74 -22.92 -135.90
N MET A 767 -40.06 -21.76 -136.46
CA MET A 767 -41.15 -21.68 -137.43
C MET A 767 -40.88 -22.29 -138.82
N GLY A 768 -39.81 -21.89 -139.53
CA GLY A 768 -38.84 -20.90 -139.09
C GLY A 768 -38.26 -20.12 -140.26
N TYR A 769 -37.79 -18.92 -139.93
CA TYR A 769 -37.58 -17.85 -140.92
C TYR A 769 -36.20 -17.57 -141.52
N ASP A 770 -35.19 -18.36 -141.19
CA ASP A 770 -33.91 -17.78 -140.76
C ASP A 770 -33.43 -16.71 -141.72
N LEU A 771 -33.20 -15.55 -141.14
CA LEU A 771 -33.21 -14.32 -141.91
C LEU A 771 -31.79 -13.88 -142.14
N GLY A 772 -31.46 -13.66 -143.40
CA GLY A 772 -30.14 -13.18 -143.77
C GLY A 772 -30.12 -11.70 -144.12
N GLU A 773 -28.91 -11.16 -144.26
CA GLU A 773 -28.64 -9.81 -144.81
C GLU A 773 -29.32 -8.63 -144.11
N ALA A 774 -29.26 -8.59 -142.78
CA ALA A 774 -29.86 -7.50 -141.99
C ALA A 774 -29.23 -7.36 -140.61
N GLU A 775 -29.48 -6.25 -139.93
CA GLU A 775 -29.13 -6.16 -138.52
C GLU A 775 -30.42 -6.42 -137.73
N PHE A 776 -30.49 -7.60 -137.13
CA PHE A 776 -31.72 -8.14 -136.58
C PHE A 776 -32.10 -7.60 -135.20
N ALA A 777 -31.11 -7.57 -134.30
CA ALA A 777 -31.32 -7.35 -132.87
C ALA A 777 -31.96 -6.02 -132.49
N ARG A 778 -31.34 -4.93 -132.94
CA ARG A 778 -31.85 -3.60 -132.68
C ARG A 778 -33.17 -3.43 -133.42
N ILE A 779 -33.24 -3.92 -134.66
CA ILE A 779 -34.48 -3.93 -135.44
C ILE A 779 -35.60 -4.68 -134.71
N MET A 780 -35.22 -5.73 -133.99
CA MET A 780 -36.15 -6.47 -133.15
C MET A 780 -36.67 -5.60 -132.01
N THR A 781 -35.76 -4.87 -131.35
CA THR A 781 -36.13 -3.94 -130.29
C THR A 781 -36.33 -2.50 -130.77
N LEU A 782 -36.29 -2.30 -132.09
CA LEU A 782 -36.40 -0.96 -132.69
C LEU A 782 -37.69 -0.24 -132.33
N VAL A 783 -37.60 1.10 -132.31
CA VAL A 783 -38.66 2.00 -131.85
C VAL A 783 -38.82 2.00 -130.32
N ASP A 784 -38.12 1.08 -129.65
CA ASP A 784 -38.03 1.09 -128.20
C ASP A 784 -36.59 1.37 -127.74
N PRO A 785 -36.35 2.60 -127.25
CA PRO A 785 -35.16 3.06 -126.52
C PRO A 785 -35.21 2.60 -125.06
N ASN A 786 -34.07 2.64 -124.36
CA ASN A 786 -34.10 2.52 -122.91
C ASN A 786 -34.51 1.14 -122.38
N GLY A 787 -34.81 0.21 -123.30
CA GLY A 787 -35.32 -1.11 -122.96
C GLY A 787 -34.41 -1.85 -122.00
N GLN A 788 -33.19 -1.33 -121.85
CA GLN A 788 -32.30 -1.64 -120.75
C GLN A 788 -31.58 -2.96 -120.94
N GLY A 789 -31.90 -3.65 -122.03
CA GLY A 789 -31.66 -5.08 -122.07
C GLY A 789 -32.53 -5.82 -123.05
N THR A 790 -32.77 -7.06 -122.67
CA THR A 790 -33.49 -8.06 -123.45
C THR A 790 -34.81 -7.58 -124.03
N VAL A 791 -35.04 -7.98 -125.27
CA VAL A 791 -36.30 -7.74 -125.98
C VAL A 791 -37.48 -8.39 -125.26
N THR A 792 -38.52 -7.59 -124.98
CA THR A 792 -39.74 -8.08 -124.35
C THR A 792 -40.54 -8.99 -125.32
N PHE A 793 -41.44 -9.81 -124.79
CA PHE A 793 -42.15 -10.78 -125.63
C PHE A 793 -43.40 -10.23 -126.32
N GLN A 794 -44.43 -9.92 -125.54
CA GLN A 794 -45.73 -9.56 -126.11
C GLN A 794 -45.75 -8.37 -127.09
N SER A 795 -45.41 -7.19 -126.60
CA SER A 795 -45.46 -5.97 -127.43
C SER A 795 -44.74 -6.15 -128.78
N PHE A 796 -43.63 -6.90 -128.76
CA PHE A 796 -42.89 -7.18 -129.99
C PHE A 796 -43.52 -8.28 -130.87
N ILE A 797 -43.94 -9.39 -130.28
CA ILE A 797 -44.49 -10.52 -131.06
C ILE A 797 -45.89 -10.23 -131.64
N ASP A 798 -46.51 -9.16 -131.15
CA ASP A 798 -47.71 -8.63 -131.80
C ASP A 798 -47.31 -8.05 -133.14
N PHE A 799 -46.26 -7.23 -133.15
CA PHE A 799 -45.72 -6.63 -134.38
C PHE A 799 -45.22 -7.71 -135.34
N MET A 800 -44.80 -8.85 -134.80
CA MET A 800 -44.28 -9.95 -135.59
C MET A 800 -45.21 -10.39 -136.72
N THR A 801 -46.51 -10.52 -136.42
CA THR A 801 -47.52 -10.79 -137.45
C THR A 801 -47.83 -9.50 -138.23
N ARG A 802 -47.81 -8.38 -137.51
CA ARG A 802 -48.17 -7.09 -138.06
C ARG A 802 -47.00 -6.36 -138.72
N GLU A 803 -45.83 -7.00 -138.76
CA GLU A 803 -44.72 -6.43 -139.52
C GLU A 803 -45.13 -6.28 -140.98
N THR A 804 -45.86 -7.28 -141.49
CA THR A 804 -46.49 -7.14 -142.78
C THR A 804 -47.90 -6.63 -142.50
N ALA A 805 -48.14 -5.37 -142.85
CA ALA A 805 -49.42 -4.72 -142.56
C ALA A 805 -49.78 -3.66 -143.58
N ASP A 806 -51.06 -3.60 -143.92
CA ASP A 806 -51.56 -2.55 -144.79
C ASP A 806 -52.54 -1.64 -144.05
N THR A 807 -52.10 -0.42 -143.79
CA THR A 807 -52.97 0.61 -143.21
C THR A 807 -52.94 1.76 -144.20
N ASP A 808 -53.95 2.62 -144.16
CA ASP A 808 -54.01 3.78 -145.03
C ASP A 808 -52.78 4.67 -144.79
N THR A 809 -52.03 4.99 -145.84
CA THR A 809 -50.81 5.80 -145.73
C THR A 809 -51.11 7.22 -146.23
N ALA A 810 -50.13 8.12 -146.22
CA ALA A 810 -50.37 9.54 -146.47
C ALA A 810 -50.92 9.91 -147.86
N GLU A 811 -50.81 8.99 -148.82
CA GLU A 811 -51.24 9.28 -150.19
C GLU A 811 -52.76 9.19 -150.43
N GLN A 812 -53.45 8.38 -149.64
CA GLN A 812 -54.88 8.15 -149.83
C GLN A 812 -55.68 9.35 -149.33
N VAL A 813 -55.21 9.97 -148.26
CA VAL A 813 -55.89 11.13 -147.70
C VAL A 813 -55.74 12.34 -148.62
N ILE A 814 -54.60 12.46 -149.28
CA ILE A 814 -54.34 13.60 -150.19
C ILE A 814 -55.03 13.41 -151.52
N ALA A 815 -55.37 12.15 -151.83
CA ALA A 815 -56.18 11.83 -153.00
C ALA A 815 -57.64 12.13 -152.70
N SER A 816 -58.01 12.04 -151.43
CA SER A 816 -59.31 12.48 -150.93
C SER A 816 -59.35 13.99 -150.73
N PHE A 817 -58.18 14.56 -150.46
CA PHE A 817 -58.02 16.00 -150.36
C PHE A 817 -57.96 16.62 -151.74
N ARG A 818 -57.49 15.85 -152.72
CA ARG A 818 -57.38 16.30 -154.10
C ARG A 818 -58.77 16.49 -154.69
N ILE A 819 -59.77 15.81 -154.12
CA ILE A 819 -61.16 16.00 -154.54
C ILE A 819 -61.96 17.05 -153.73
N LEU A 820 -61.41 17.53 -152.62
CA LEU A 820 -62.00 18.66 -151.90
C LEU A 820 -61.57 19.94 -152.61
N ALA A 821 -60.30 19.98 -153.00
CA ALA A 821 -59.77 20.84 -154.05
C ALA A 821 -60.30 20.21 -155.32
N SER A 822 -60.33 20.89 -156.45
CA SER A 822 -60.76 20.13 -157.62
C SER A 822 -59.56 19.72 -158.46
N ASP A 823 -59.20 18.45 -158.32
CA ASP A 823 -58.07 17.79 -159.00
C ASP A 823 -56.78 18.62 -159.08
N LYS A 824 -56.47 19.36 -158.04
CA LYS A 824 -55.36 20.29 -158.09
C LYS A 824 -54.36 20.07 -156.96
N PRO A 825 -53.08 20.43 -157.22
CA PRO A 825 -52.00 20.44 -156.23
C PRO A 825 -52.25 21.43 -155.10
N TYR A 826 -53.20 22.34 -155.30
CA TYR A 826 -53.52 23.37 -154.33
C TYR A 826 -54.79 23.12 -153.55
N ILE A 827 -55.11 24.05 -152.66
CA ILE A 827 -56.35 23.99 -151.92
C ILE A 827 -56.63 25.41 -151.46
N LEU A 828 -57.88 25.72 -151.14
CA LEU A 828 -58.20 27.06 -150.64
C LEU A 828 -58.78 27.03 -149.23
N ALA A 829 -58.48 28.05 -148.44
CA ALA A 829 -59.00 28.14 -147.09
C ALA A 829 -60.53 28.25 -147.08
N GLU A 830 -61.07 28.95 -148.06
CA GLU A 830 -62.50 29.20 -148.18
C GLU A 830 -63.31 27.93 -148.33
N GLU A 831 -62.77 26.98 -149.08
CA GLU A 831 -63.49 25.76 -149.38
C GLU A 831 -63.65 24.86 -148.15
N LEU A 832 -62.72 24.97 -147.19
CA LEU A 832 -62.75 24.10 -146.00
C LEU A 832 -63.86 24.51 -145.04
N ARG A 833 -64.19 25.80 -145.06
CA ARG A 833 -65.36 26.34 -144.33
C ARG A 833 -66.64 25.71 -144.87
N ARG A 834 -66.77 25.63 -146.19
CA ARG A 834 -67.91 24.97 -146.81
C ARG A 834 -67.84 23.44 -146.80
N GLU A 835 -66.67 22.90 -147.18
CA GLU A 835 -66.54 21.46 -147.39
C GLU A 835 -66.16 20.64 -146.13
N LEU A 836 -65.89 21.32 -145.02
CA LEU A 836 -65.65 20.66 -143.71
C LEU A 836 -66.54 21.25 -142.61
N PRO A 837 -66.87 20.43 -141.60
CA PRO A 837 -67.41 20.90 -140.31
C PRO A 837 -66.51 22.01 -139.74
N PRO A 838 -67.12 23.04 -139.14
CA PRO A 838 -66.53 24.36 -138.85
C PRO A 838 -65.14 24.39 -138.21
N ASP A 839 -64.83 23.43 -137.34
CA ASP A 839 -63.53 23.42 -136.69
C ASP A 839 -62.40 23.13 -137.67
N GLN A 840 -62.55 22.02 -138.40
CA GLN A 840 -61.51 21.49 -139.29
C GLN A 840 -61.02 22.49 -140.32
N ALA A 841 -61.90 23.42 -140.68
CA ALA A 841 -61.49 24.53 -141.52
C ALA A 841 -60.38 25.29 -140.79
N GLN A 842 -60.67 25.70 -139.57
CA GLN A 842 -59.71 26.43 -138.76
C GLN A 842 -58.51 25.54 -138.45
N TYR A 843 -58.76 24.26 -138.21
CA TYR A 843 -57.67 23.32 -137.96
C TYR A 843 -56.68 23.29 -139.13
N CYS A 844 -57.16 22.84 -140.29
CA CYS A 844 -56.31 22.68 -141.48
C CYS A 844 -55.52 23.92 -141.89
N ILE A 845 -56.18 25.08 -141.95
CA ILE A 845 -55.54 26.30 -142.43
C ILE A 845 -54.25 26.62 -141.68
N LYS A 846 -54.30 26.51 -140.36
CA LYS A 846 -53.13 26.79 -139.53
C LYS A 846 -52.08 25.71 -139.73
N ARG A 847 -52.52 24.47 -139.90
CA ARG A 847 -51.62 23.32 -139.95
C ARG A 847 -51.08 23.02 -141.35
N MET A 848 -51.42 23.86 -142.32
CA MET A 848 -50.91 23.66 -143.67
C MET A 848 -50.02 24.81 -144.08
N PRO A 849 -49.01 24.52 -144.91
CA PRO A 849 -48.20 25.49 -145.65
C PRO A 849 -48.99 25.99 -146.84
N ALA A 850 -48.37 26.75 -147.73
CA ALA A 850 -49.07 27.28 -148.90
C ALA A 850 -48.25 27.16 -150.19
N TYR A 851 -48.93 27.28 -151.34
CA TYR A 851 -48.30 27.64 -152.61
C TYR A 851 -47.54 26.57 -153.42
N SER A 852 -47.48 25.35 -152.90
CA SER A 852 -46.63 24.31 -153.50
C SER A 852 -46.91 23.98 -154.98
N GLY A 853 -45.87 24.11 -155.80
CA GLY A 853 -45.96 23.85 -157.23
C GLY A 853 -45.93 25.11 -158.10
N PRO A 854 -45.57 24.95 -159.38
CA PRO A 854 -45.49 26.03 -160.39
C PRO A 854 -46.85 26.62 -160.82
N GLY A 855 -47.92 25.85 -160.65
CA GLY A 855 -49.23 26.13 -161.20
C GLY A 855 -50.13 26.99 -160.34
N SER A 856 -49.52 27.83 -159.50
CA SER A 856 -50.13 28.28 -158.25
C SER A 856 -51.35 29.19 -158.33
N VAL A 857 -51.84 29.53 -157.14
CA VAL A 857 -53.03 30.36 -156.97
C VAL A 857 -52.66 31.44 -155.95
N PRO A 858 -53.42 32.55 -155.93
CA PRO A 858 -53.34 33.65 -154.95
C PRO A 858 -53.88 33.32 -153.54
N GLY A 859 -53.00 32.77 -152.70
CA GLY A 859 -53.36 32.25 -151.39
C GLY A 859 -53.98 30.87 -151.29
N ALA A 860 -53.33 29.91 -151.97
CA ALA A 860 -53.70 28.51 -151.90
C ALA A 860 -52.77 27.72 -150.96
N LEU A 861 -53.33 26.72 -150.26
CA LEU A 861 -52.61 26.00 -149.20
C LEU A 861 -52.15 24.61 -149.65
N ASP A 862 -51.03 24.15 -149.09
CA ASP A 862 -50.43 22.88 -149.48
C ASP A 862 -50.78 21.70 -148.55
N TYR A 863 -51.49 20.72 -149.11
CA TYR A 863 -51.86 19.51 -148.38
C TYR A 863 -50.81 18.38 -148.37
N ALA A 864 -49.83 18.46 -149.27
CA ALA A 864 -48.79 17.42 -149.34
C ALA A 864 -47.77 17.53 -148.20
N ALA A 865 -47.33 18.76 -147.90
CA ALA A 865 -46.38 18.98 -146.82
C ALA A 865 -47.06 18.71 -145.48
N PHE A 866 -48.34 19.04 -145.43
CA PHE A 866 -49.23 18.68 -144.35
C PHE A 866 -49.12 17.16 -144.05
N SER A 867 -49.49 16.34 -145.02
CA SER A 867 -49.66 14.89 -144.88
C SER A 867 -48.50 14.00 -144.41
N SER A 868 -47.29 14.23 -144.88
CA SER A 868 -46.17 13.35 -144.52
C SER A 868 -45.71 13.53 -143.07
N ALA A 869 -46.08 14.67 -142.48
CA ALA A 869 -45.75 14.97 -141.09
C ALA A 869 -46.54 14.08 -140.13
N LEU A 870 -47.82 13.89 -140.44
CA LEU A 870 -48.68 13.11 -139.55
C LEU A 870 -48.67 11.61 -139.82
N TYR A 871 -48.11 11.18 -140.94
CA TYR A 871 -48.10 9.77 -141.28
C TYR A 871 -46.70 9.21 -141.56
N GLY A 872 -46.57 7.88 -141.51
CA GLY A 872 -45.35 7.21 -141.91
C GLY A 872 -44.07 7.66 -141.25
N GLU A 873 -43.03 7.90 -142.06
CA GLU A 873 -41.71 8.22 -141.52
C GLU A 873 -41.07 9.51 -142.05
N SER A 874 -40.07 9.99 -141.30
CA SER A 874 -39.31 11.20 -141.65
C SER A 874 -37.80 10.94 -141.56
#